data_3FNB
#
_entry.id   3FNB
#
_cell.length_a   68.832
_cell.length_b   56.468
_cell.length_c   99.901
_cell.angle_alpha   90.00
_cell.angle_beta   93.86
_cell.angle_gamma   90.00
#
_symmetry.space_group_name_H-M   'P 1 21 1'
#
loop_
_entity.id
_entity.type
_entity.pdbx_description
1 polymer 'Acylaminoacyl peptidase SMU_737'
2 non-polymer 'MAGNESIUM ION'
3 non-polymer BETA-MERCAPTOETHANOL
4 non-polymer 'TRIETHYLENE GLYCOL'
5 non-polymer 1,2-ETHANEDIOL
6 water water
#
_entity_poly.entity_id   1
_entity_poly.type   'polypeptide(L)'
_entity_poly.pdbx_seq_one_letter_code
;SNA(MSE)KENNTILKRQDYKIKFNNKD(MSE)DFCFNW(MSE)LGIGQIIG(MSE)SAGELFYIASGIRDGNPTDWCKR
FNEHADYLEDEVERVKKVGYRDLISHLYFSACFSIRAALQFTDPKDSEF(MSE)ENFRR(MSE)EKLF(MSE)LAVDNSK
IPLKSIEVPFEGELLPGYAIISEDKAQDTLIVVGGGDTSREDLFY(MSE)LGYSGWEHDYNVL(MSE)VDLPGQGKNPNQ
GLHFEVDARAAISAILDWYQAPTEKIAIAGFSGGGYFTAQAVEKDKRIKAWIASTPIYDVAEVFRISFSTALKAPKTILK
WGSKLVTSVNKVAEVNLNKYAWQFGQVDFITSVNEVLEQAQIVDYNKIDVPSLFLVGAGEDSEL(MSE)RQSQVLYDNFK
QRGIDVTLRKFSSESGADAHCQVNNFRL(MSE)HYQVFEWLNHIFKKKD
;
_entity_poly.pdbx_strand_id   A,B
#
loop_
_chem_comp.id
_chem_comp.type
_chem_comp.name
_chem_comp.formula
BME non-polymer BETA-MERCAPTOETHANOL 'C2 H6 O S'
EDO non-polymer 1,2-ETHANEDIOL 'C2 H6 O2'
MG non-polymer 'MAGNESIUM ION' 'Mg 2'
PGE non-polymer 'TRIETHYLENE GLYCOL' 'C6 H14 O4'
#
# COMPACT_ATOMS: atom_id res chain seq x y z
N LEU A 11 4.52 5.53 23.87
CA LEU A 11 3.14 5.17 23.54
C LEU A 11 2.15 6.35 23.63
N LYS A 12 2.46 7.49 22.99
CA LYS A 12 1.43 8.53 22.85
C LYS A 12 0.60 8.32 21.58
N ARG A 13 1.28 8.20 20.43
CA ARG A 13 0.56 7.92 19.18
C ARG A 13 0.93 6.60 18.52
N GLN A 14 1.97 5.93 19.02
CA GLN A 14 2.44 4.67 18.46
C GLN A 14 3.52 4.03 19.35
N ASP A 15 3.78 2.75 19.13
CA ASP A 15 4.66 1.95 20.01
C ASP A 15 6.01 1.51 19.43
N TYR A 16 6.16 1.54 18.11
N TYR A 16 6.19 1.57 18.13
CA TYR A 16 7.40 1.09 17.45
CA TYR A 16 7.43 1.13 17.52
C TYR A 16 7.99 2.16 16.55
C TYR A 16 8.00 2.20 16.59
N LYS A 17 9.31 2.36 16.63
CA LYS A 17 10.02 3.34 15.80
C LYS A 17 10.13 2.88 14.34
N ILE A 18 9.81 3.77 13.39
CA ILE A 18 9.87 3.45 11.97
C ILE A 18 11.12 3.96 11.27
N LYS A 19 11.41 5.25 11.42
CA LYS A 19 12.53 5.89 10.72
C LYS A 19 13.25 6.99 11.55
N PHE A 20 12.47 7.84 12.21
CA PHE A 20 13.04 8.99 12.93
C PHE A 20 12.99 8.82 14.45
N ASN A 21 13.97 9.39 15.13
CA ASN A 21 13.96 9.42 16.58
C ASN A 21 13.00 10.48 17.14
N ASN A 22 12.94 11.64 16.50
CA ASN A 22 11.90 12.60 16.83
C ASN A 22 10.57 11.89 16.67
N LYS A 23 9.82 11.76 17.77
CA LYS A 23 8.57 11.03 17.80
C LYS A 23 7.43 11.63 17.00
N ASP A 24 7.36 12.96 16.92
CA ASP A 24 6.29 13.59 16.16
C ASP A 24 6.53 13.33 14.69
N MSE A 25 7.76 13.50 14.28
CA MSE A 25 8.09 13.28 12.89
C MSE A 25 7.92 11.81 12.54
O MSE A 25 7.40 11.49 11.45
CB MSE A 25 9.52 13.73 12.59
CG MSE A 25 9.87 13.56 11.11
SE MSE A 25 11.59 14.37 10.67
CE MSE A 25 10.94 16.20 10.35
N ASP A 26 8.30 10.92 13.46
CA ASP A 26 8.19 9.51 13.14
C ASP A 26 6.73 9.11 12.99
N PHE A 27 5.87 9.60 13.86
CA PHE A 27 4.45 9.34 13.71
C PHE A 27 3.89 9.88 12.36
N CYS A 28 4.28 11.09 12.02
N CYS A 28 4.28 11.09 12.01
CA CYS A 28 3.82 11.66 10.75
CA CYS A 28 3.77 11.64 10.76
C CYS A 28 4.28 10.81 9.57
C CYS A 28 4.30 10.86 9.54
N PHE A 29 5.53 10.37 9.62
CA PHE A 29 6.07 9.50 8.59
C PHE A 29 5.31 8.18 8.47
N ASN A 30 5.08 7.53 9.61
CA ASN A 30 4.23 6.35 9.66
C ASN A 30 2.89 6.60 9.02
N TRP A 31 2.34 7.76 9.34
CA TRP A 31 1.06 8.13 8.83
C TRP A 31 1.14 8.34 7.30
N MSE A 32 2.20 8.97 6.81
CA MSE A 32 2.34 9.16 5.36
C MSE A 32 2.49 7.82 4.60
O MSE A 32 1.87 7.61 3.55
CB MSE A 32 3.50 10.11 5.03
CG MSE A 32 3.36 11.52 5.64
SE MSE A 32 1.69 12.48 5.17
CE MSE A 32 0.67 12.34 6.87
N LEU A 33 3.27 6.90 5.16
CA LEU A 33 3.34 5.53 4.68
C LEU A 33 1.96 4.89 4.58
N GLY A 34 1.18 5.03 5.65
CA GLY A 34 -0.13 4.42 5.70
C GLY A 34 -1.03 4.94 4.62
N ILE A 35 -1.00 6.26 4.37
CA ILE A 35 -1.79 6.82 3.27
C ILE A 35 -1.51 6.10 1.94
N GLY A 36 -0.26 5.69 1.72
CA GLY A 36 0.15 5.11 0.45
C GLY A 36 -0.41 3.71 0.27
N GLN A 37 -0.85 3.11 1.36
CA GLN A 37 -1.41 1.79 1.25
C GLN A 37 -2.75 1.95 0.54
N ILE A 38 -3.34 3.14 0.66
CA ILE A 38 -4.70 3.35 0.16
C ILE A 38 -4.55 3.97 -1.22
N ILE A 39 -3.60 4.90 -1.31
CA ILE A 39 -3.59 5.80 -2.42
C ILE A 39 -2.27 6.58 -2.49
N GLY A 40 -1.78 6.80 -3.70
CA GLY A 40 -0.62 7.64 -3.89
C GLY A 40 0.72 6.96 -3.74
N MSE A 41 1.58 7.53 -2.90
CA MSE A 41 2.99 7.16 -2.91
C MSE A 41 3.30 5.78 -2.30
O MSE A 41 2.65 5.33 -1.37
CB MSE A 41 3.79 8.23 -2.20
CG MSE A 41 3.90 9.54 -2.98
SE MSE A 41 4.82 10.85 -1.90
CE MSE A 41 3.43 11.20 -0.51
N SER A 42 4.33 5.13 -2.83
CA SER A 42 4.78 3.85 -2.31
C SER A 42 5.73 4.09 -1.17
N ALA A 43 6.07 3.02 -0.47
CA ALA A 43 7.09 3.08 0.56
C ALA A 43 8.43 3.43 -0.08
N GLY A 44 8.60 3.00 -1.33
CA GLY A 44 9.80 3.32 -2.07
C GLY A 44 9.95 4.83 -2.18
N GLU A 45 8.89 5.50 -2.60
CA GLU A 45 8.97 6.95 -2.73
C GLU A 45 9.29 7.59 -1.38
N LEU A 46 8.54 7.16 -0.37
CA LEU A 46 8.60 7.76 0.96
C LEU A 46 9.97 7.66 1.60
N PHE A 47 10.58 6.49 1.50
CA PHE A 47 11.91 6.27 2.05
C PHE A 47 12.99 6.99 1.25
N TYR A 48 12.83 7.11 -0.07
CA TYR A 48 13.68 7.99 -0.85
C TYR A 48 13.59 9.44 -0.34
N ILE A 49 12.37 9.94 -0.23
CA ILE A 49 12.16 11.30 0.28
C ILE A 49 12.82 11.48 1.65
N ALA A 50 12.54 10.54 2.56
CA ALA A 50 12.99 10.65 3.93
C ALA A 50 14.51 10.61 4.01
N SER A 51 15.14 9.99 3.01
CA SER A 51 16.59 9.86 3.05
C SER A 51 17.24 11.24 3.03
N GLY A 52 16.50 12.24 2.57
CA GLY A 52 17.00 13.60 2.50
C GLY A 52 16.51 14.48 3.67
N ILE A 53 15.98 13.88 4.72
CA ILE A 53 15.47 14.67 5.85
C ILE A 53 16.23 14.40 7.13
N ARG A 54 16.94 15.41 7.64
CA ARG A 54 17.56 15.32 8.97
C ARG A 54 16.51 15.12 10.07
N ASP A 55 16.81 14.22 11.00
CA ASP A 55 15.84 13.83 12.04
C ASP A 55 15.38 15.04 12.85
N GLY A 56 14.08 15.30 12.90
CA GLY A 56 13.57 16.42 13.65
C GLY A 56 13.79 17.78 13.00
N ASN A 57 14.08 17.78 11.69
CA ASN A 57 14.22 19.02 10.92
C ASN A 57 13.02 19.35 10.04
N PRO A 58 12.12 20.23 10.50
CA PRO A 58 10.92 20.36 9.67
C PRO A 58 11.15 21.15 8.40
N THR A 59 12.19 21.99 8.35
CA THR A 59 12.63 22.57 7.06
C THR A 59 13.03 21.53 5.99
N ASP A 60 13.94 20.61 6.31
CA ASP A 60 14.23 19.49 5.38
C ASP A 60 12.95 18.77 4.97
N TRP A 61 12.11 18.39 5.95
CA TRP A 61 10.85 17.70 5.66
C TRP A 61 10.01 18.45 4.60
N CYS A 62 9.70 19.73 4.85
CA CYS A 62 8.90 20.51 3.91
C CYS A 62 9.56 20.57 2.53
N LYS A 63 10.89 20.68 2.51
CA LYS A 63 11.57 20.86 1.22
C LYS A 63 11.58 19.57 0.44
N ARG A 64 11.94 18.47 1.08
CA ARG A 64 11.93 17.20 0.35
C ARG A 64 10.55 16.94 -0.18
N PHE A 65 9.52 17.08 0.65
CA PHE A 65 8.19 16.73 0.17
C PHE A 65 7.73 17.69 -0.92
N ASN A 66 8.06 18.97 -0.80
CA ASN A 66 7.65 19.92 -1.85
C ASN A 66 8.38 19.65 -3.16
N GLU A 67 9.64 19.28 -3.09
CA GLU A 67 10.34 19.03 -4.35
C GLU A 67 9.91 17.69 -4.93
N HIS A 68 9.42 16.78 -4.10
CA HIS A 68 8.86 15.56 -4.66
C HIS A 68 7.58 15.80 -5.45
N ALA A 69 6.74 16.72 -4.96
CA ALA A 69 5.56 17.14 -5.73
C ALA A 69 5.96 17.81 -7.05
N ASP A 70 7.03 18.59 -7.03
CA ASP A 70 7.49 19.24 -8.25
C ASP A 70 7.89 18.15 -9.22
N TYR A 71 8.53 17.10 -8.70
CA TYR A 71 9.02 16.01 -9.56
C TYR A 71 7.85 15.27 -10.20
N LEU A 72 6.85 14.95 -9.39
CA LEU A 72 5.68 14.22 -9.88
C LEU A 72 4.86 15.01 -10.88
N GLU A 73 4.81 16.33 -10.72
CA GLU A 73 4.05 17.15 -11.66
C GLU A 73 4.69 17.25 -13.03
N ASP A 74 6.01 17.29 -13.07
CA ASP A 74 6.70 17.18 -14.35
C ASP A 74 6.39 15.83 -14.97
N GLU A 75 6.47 14.76 -14.16
CA GLU A 75 6.14 13.44 -14.66
C GLU A 75 4.79 13.46 -15.35
N VAL A 76 3.82 14.14 -14.75
CA VAL A 76 2.47 14.18 -15.29
C VAL A 76 2.51 14.76 -16.69
N GLU A 77 3.19 15.90 -16.85
CA GLU A 77 3.34 16.53 -18.18
C GLU A 77 3.92 15.55 -19.18
N ARG A 78 5.09 15.03 -18.82
CA ARG A 78 5.78 14.01 -19.61
C ARG A 78 4.81 12.93 -20.09
N VAL A 79 3.80 12.64 -19.30
CA VAL A 79 2.88 11.53 -19.57
C VAL A 79 1.65 11.91 -20.37
N LYS A 80 1.18 13.14 -20.21
CA LYS A 80 0.04 13.65 -20.97
C LYS A 80 0.16 13.39 -22.45
N LYS A 81 1.39 13.36 -22.95
CA LYS A 81 1.63 13.24 -24.39
C LYS A 81 1.17 11.89 -24.92
N VAL A 82 0.60 11.08 -24.03
CA VAL A 82 0.23 9.70 -24.38
C VAL A 82 -1.10 9.32 -23.73
N GLY A 83 -1.62 10.20 -22.89
CA GLY A 83 -3.01 10.12 -22.46
C GLY A 83 -3.27 8.90 -21.62
N TYR A 84 -2.40 8.61 -20.69
CA TYR A 84 -2.63 7.55 -19.75
C TYR A 84 -3.39 8.17 -18.55
N ARG A 85 -4.73 8.07 -18.47
CA ARG A 85 -5.58 8.59 -17.41
C ARG A 85 -5.24 7.95 -16.06
N ASP A 86 -5.37 6.64 -15.99
CA ASP A 86 -5.13 5.92 -14.74
C ASP A 86 -3.81 6.35 -14.10
N LEU A 87 -2.78 6.47 -14.93
CA LEU A 87 -1.45 6.77 -14.45
C LEU A 87 -1.38 8.23 -14.02
N ILE A 88 -1.97 9.10 -14.85
CA ILE A 88 -2.01 10.52 -14.60
C ILE A 88 -2.71 10.81 -13.29
N SER A 89 -3.85 10.17 -13.10
CA SER A 89 -4.63 10.30 -11.89
C SER A 89 -3.79 9.88 -10.70
N HIS A 90 -3.09 8.75 -10.85
CA HIS A 90 -2.22 8.25 -9.81
C HIS A 90 -1.08 9.22 -9.48
N LEU A 91 -0.49 9.84 -10.50
CA LEU A 91 0.56 10.81 -10.25
C LEU A 91 0.03 12.06 -9.51
N TYR A 92 -1.20 12.46 -9.82
CA TYR A 92 -1.77 13.66 -9.20
C TYR A 92 -2.05 13.40 -7.72
N PHE A 93 -2.55 12.21 -7.42
CA PHE A 93 -2.81 11.86 -6.04
C PHE A 93 -1.51 11.87 -5.24
N SER A 94 -0.45 11.32 -5.84
CA SER A 94 0.83 11.24 -5.16
C SER A 94 1.37 12.63 -4.90
N ALA A 95 1.18 13.50 -5.89
CA ALA A 95 1.64 14.87 -5.79
C ALA A 95 0.85 15.59 -4.71
N CYS A 96 -0.46 15.48 -4.79
CA CYS A 96 -1.34 16.01 -3.77
C CYS A 96 -0.87 15.64 -2.36
N PHE A 97 -0.72 14.35 -2.09
CA PHE A 97 -0.36 13.92 -0.75
C PHE A 97 1.10 14.17 -0.38
N SER A 98 1.95 14.33 -1.40
CA SER A 98 3.29 14.79 -1.14
C SER A 98 3.22 16.24 -0.59
N ILE A 99 2.38 17.06 -1.20
CA ILE A 99 2.21 18.43 -0.72
C ILE A 99 1.57 18.41 0.66
N ARG A 100 0.59 17.55 0.83
CA ARG A 100 -0.08 17.50 2.12
C ARG A 100 0.93 17.14 3.23
N ALA A 101 1.84 16.24 2.91
CA ALA A 101 2.87 15.87 3.87
C ALA A 101 3.72 17.09 4.26
N ALA A 102 4.15 17.86 3.27
CA ALA A 102 4.92 19.06 3.56
C ALA A 102 4.12 20.05 4.42
N LEU A 103 2.82 20.18 4.16
CA LEU A 103 1.96 21.11 4.91
C LEU A 103 1.94 20.79 6.40
N GLN A 104 2.08 19.53 6.74
CA GLN A 104 1.98 19.13 8.13
C GLN A 104 2.99 19.86 9.02
N PHE A 105 4.17 20.13 8.47
CA PHE A 105 5.20 20.81 9.23
C PHE A 105 5.53 22.20 8.63
N THR A 106 4.53 22.78 7.97
CA THR A 106 4.65 24.15 7.49
C THR A 106 3.98 25.06 8.51
N ASP A 107 4.67 26.14 8.85
CA ASP A 107 4.07 27.15 9.73
C ASP A 107 3.13 28.02 8.92
N PRO A 108 1.90 28.23 9.41
CA PRO A 108 0.89 29.03 8.72
C PRO A 108 1.20 30.54 8.63
N LYS A 109 2.24 31.04 9.29
CA LYS A 109 2.66 32.43 9.11
C LYS A 109 3.58 32.55 7.88
N ASP A 110 3.77 31.43 7.21
CA ASP A 110 4.53 31.31 5.96
C ASP A 110 3.63 31.68 4.82
N SER A 111 4.09 32.55 3.93
CA SER A 111 3.29 32.89 2.77
C SER A 111 3.04 31.64 1.92
N GLU A 112 3.96 30.69 2.00
CA GLU A 112 3.78 29.50 1.20
C GLU A 112 2.80 28.47 1.80
N PHE A 113 2.35 28.69 3.03
CA PHE A 113 1.36 27.78 3.60
C PHE A 113 0.08 27.71 2.75
N MSE A 114 -0.66 28.81 2.67
CA MSE A 114 -1.87 28.81 1.86
C MSE A 114 -1.64 28.61 0.36
O MSE A 114 -2.50 28.08 -0.35
CB MSE A 114 -2.68 30.11 2.09
CG MSE A 114 -3.45 30.13 3.41
SE MSE A 114 -4.40 28.45 3.83
CE MSE A 114 -5.73 28.43 2.40
N GLU A 115 -0.48 29.04 -0.14
CA GLU A 115 -0.10 28.78 -1.52
C GLU A 115 -0.07 27.26 -1.75
N ASN A 116 0.65 26.55 -0.89
CA ASN A 116 0.71 25.11 -1.04
C ASN A 116 -0.61 24.42 -0.69
N PHE A 117 -1.33 24.95 0.29
CA PHE A 117 -2.63 24.38 0.58
C PHE A 117 -3.51 24.35 -0.68
N ARG A 118 -3.51 25.45 -1.44
CA ARG A 118 -4.38 25.53 -2.61
C ARG A 118 -3.86 24.64 -3.72
N ARG A 119 -2.54 24.56 -3.82
CA ARG A 119 -1.91 23.65 -4.76
C ARG A 119 -2.35 22.21 -4.47
N MSE A 120 -2.44 21.84 -3.18
CA MSE A 120 -2.91 20.50 -2.80
C MSE A 120 -4.34 20.28 -3.25
O MSE A 120 -4.65 19.25 -3.83
CB MSE A 120 -2.81 20.26 -1.29
CG MSE A 120 -3.46 18.93 -0.79
SE MSE A 120 -3.68 18.87 1.18
CE MSE A 120 -4.68 20.55 1.48
N GLU A 121 -5.20 21.24 -2.98
CA GLU A 121 -6.60 21.10 -3.37
C GLU A 121 -6.75 20.94 -4.88
N LYS A 122 -5.97 21.69 -5.63
CA LYS A 122 -6.03 21.60 -7.08
C LYS A 122 -5.57 20.22 -7.58
N LEU A 123 -4.42 19.77 -7.11
CA LEU A 123 -3.93 18.46 -7.49
C LEU A 123 -4.93 17.36 -7.13
N PHE A 124 -5.63 17.53 -6.02
CA PHE A 124 -6.62 16.54 -5.56
C PHE A 124 -7.75 16.44 -6.57
N MSE A 125 -8.18 17.59 -7.06
CA MSE A 125 -9.28 17.67 -8.02
C MSE A 125 -8.84 17.17 -9.39
O MSE A 125 -9.56 16.43 -10.03
CB MSE A 125 -9.75 19.12 -8.15
CG MSE A 125 -11.26 19.32 -8.02
SE MSE A 125 -12.17 18.02 -6.83
CE MSE A 125 -13.11 17.12 -8.25
N LEU A 126 -7.63 17.55 -9.81
CA LEU A 126 -7.08 17.00 -11.06
C LEU A 126 -6.96 15.46 -11.00
N ALA A 127 -6.71 14.93 -9.80
CA ALA A 127 -6.54 13.48 -9.64
C ALA A 127 -7.90 12.84 -9.81
N VAL A 128 -8.89 13.40 -9.14
CA VAL A 128 -10.26 12.92 -9.24
C VAL A 128 -10.83 13.01 -10.66
N ASP A 129 -10.54 14.11 -11.37
CA ASP A 129 -11.11 14.31 -12.68
C ASP A 129 -10.57 13.29 -13.67
N ASN A 130 -9.46 12.64 -13.30
CA ASN A 130 -8.82 11.67 -14.19
C ASN A 130 -9.07 10.24 -13.77
N SER A 131 -9.93 10.09 -12.76
CA SER A 131 -10.30 8.79 -12.23
C SER A 131 -11.78 8.60 -12.49
N LYS A 132 -12.34 7.51 -11.96
CA LYS A 132 -13.75 7.25 -12.14
C LYS A 132 -14.58 7.54 -10.89
N ILE A 133 -13.92 8.00 -9.83
CA ILE A 133 -14.63 8.41 -8.61
C ILE A 133 -15.40 9.71 -8.86
N PRO A 134 -16.73 9.67 -8.65
CA PRO A 134 -17.60 10.83 -8.92
C PRO A 134 -17.63 11.81 -7.74
N LEU A 135 -16.48 12.08 -7.15
CA LEU A 135 -16.40 12.96 -5.99
C LEU A 135 -16.65 14.40 -6.40
N LYS A 136 -17.35 15.14 -5.55
CA LYS A 136 -17.58 16.56 -5.78
C LYS A 136 -17.10 17.39 -4.61
N SER A 137 -16.66 18.60 -4.92
CA SER A 137 -16.39 19.59 -3.91
C SER A 137 -17.68 20.31 -3.55
N ILE A 138 -17.94 20.47 -2.25
CA ILE A 138 -19.16 21.12 -1.79
C ILE A 138 -18.86 22.21 -0.78
N GLU A 139 -19.90 22.97 -0.45
CA GLU A 139 -19.79 24.10 0.45
C GLU A 139 -21.00 24.13 1.37
N VAL A 140 -20.79 23.90 2.65
CA VAL A 140 -21.93 23.81 3.56
C VAL A 140 -22.12 25.13 4.28
N PRO A 141 -23.36 25.67 4.22
CA PRO A 141 -23.66 26.94 4.89
C PRO A 141 -23.62 26.80 6.39
N PHE A 142 -22.98 27.74 7.07
CA PHE A 142 -22.89 27.73 8.54
C PHE A 142 -22.45 29.11 9.03
N GLU A 143 -23.23 29.67 9.95
CA GLU A 143 -22.88 30.96 10.55
C GLU A 143 -22.55 32.04 9.54
N GLY A 144 -23.26 32.08 8.42
CA GLY A 144 -23.05 33.15 7.46
C GLY A 144 -21.81 32.94 6.60
N GLU A 145 -21.11 31.84 6.86
CA GLU A 145 -19.98 31.38 6.04
C GLU A 145 -20.24 30.02 5.36
N LEU A 146 -19.24 29.53 4.62
CA LEU A 146 -19.30 28.25 3.90
C LEU A 146 -18.13 27.32 4.22
N LEU A 147 -18.46 26.12 4.69
CA LEU A 147 -17.50 25.10 5.10
C LEU A 147 -17.12 24.25 3.91
N PRO A 148 -15.82 24.17 3.59
CA PRO A 148 -15.41 23.36 2.45
C PRO A 148 -15.59 21.87 2.77
N GLY A 149 -16.07 21.09 1.80
CA GLY A 149 -16.17 19.67 1.98
C GLY A 149 -16.07 18.94 0.64
N TYR A 150 -15.98 17.61 0.72
CA TYR A 150 -16.14 16.75 -0.44
C TYR A 150 -17.31 15.80 -0.22
N ALA A 151 -17.94 15.41 -1.32
CA ALA A 151 -19.03 14.44 -1.30
C ALA A 151 -18.81 13.43 -2.38
N ILE A 152 -19.17 12.19 -2.08
CA ILE A 152 -19.39 11.20 -3.12
C ILE A 152 -20.77 10.63 -2.90
N ILE A 153 -21.67 10.93 -3.83
CA ILE A 153 -23.05 10.54 -3.69
C ILE A 153 -23.49 9.75 -4.91
N SER A 154 -24.39 8.77 -4.72
CA SER A 154 -24.99 8.08 -5.85
C SER A 154 -26.14 8.93 -6.34
N GLU A 155 -26.32 9.02 -7.65
CA GLU A 155 -27.35 9.90 -8.17
C GLU A 155 -28.67 9.19 -8.41
N ASP A 156 -28.61 7.87 -8.58
CA ASP A 156 -29.81 7.09 -8.80
C ASP A 156 -30.17 6.25 -7.57
N LYS A 157 -29.16 5.62 -6.97
CA LYS A 157 -29.37 4.74 -5.82
C LYS A 157 -29.52 5.51 -4.51
N ALA A 158 -30.48 5.07 -3.70
CA ALA A 158 -30.67 5.61 -2.36
C ALA A 158 -29.79 4.86 -1.33
N GLN A 159 -28.60 5.38 -1.09
CA GLN A 159 -27.65 4.73 -0.21
C GLN A 159 -27.67 5.35 1.18
N ASP A 160 -27.27 4.57 2.18
CA ASP A 160 -27.08 5.08 3.53
C ASP A 160 -25.89 6.04 3.51
N THR A 161 -25.80 6.91 4.51
CA THR A 161 -24.78 7.93 4.49
C THR A 161 -23.75 7.83 5.61
N LEU A 162 -22.51 8.15 5.26
CA LEU A 162 -21.44 8.18 6.24
C LEU A 162 -20.83 9.58 6.27
N ILE A 163 -20.83 10.19 7.45
CA ILE A 163 -20.18 11.49 7.61
C ILE A 163 -18.87 11.30 8.34
N VAL A 164 -17.78 11.74 7.71
CA VAL A 164 -16.44 11.61 8.29
C VAL A 164 -15.95 12.94 8.89
N VAL A 165 -15.44 12.89 10.13
CA VAL A 165 -14.96 14.10 10.80
C VAL A 165 -13.53 13.89 11.36
N GLY A 166 -12.64 14.85 11.09
CA GLY A 166 -11.26 14.74 11.59
C GLY A 166 -11.03 15.52 12.86
N GLY A 167 -9.77 15.76 13.21
CA GLY A 167 -9.43 16.43 14.45
C GLY A 167 -8.64 17.68 14.17
N GLY A 168 -7.46 17.80 14.75
CA GLY A 168 -6.71 19.04 14.62
C GLY A 168 -5.66 18.98 13.55
N ASP A 169 -5.55 17.85 12.85
CA ASP A 169 -4.54 17.76 11.83
C ASP A 169 -5.07 17.20 10.54
N THR A 170 -6.31 17.55 10.20
CA THR A 170 -6.89 16.99 8.98
C THR A 170 -7.56 18.07 8.12
N SER A 171 -7.57 17.85 6.80
CA SER A 171 -8.44 18.55 5.88
C SER A 171 -9.38 17.56 5.20
N ARG A 172 -10.36 18.09 4.46
CA ARG A 172 -11.27 17.30 3.65
C ARG A 172 -10.47 16.19 2.98
N GLU A 173 -9.27 16.53 2.51
CA GLU A 173 -8.46 15.61 1.71
C GLU A 173 -8.08 14.37 2.49
N ASP A 174 -7.76 14.54 3.78
CA ASP A 174 -7.33 13.41 4.59
C ASP A 174 -8.52 12.49 4.83
N LEU A 175 -9.71 13.06 4.87
CA LEU A 175 -10.89 12.31 5.25
C LEU A 175 -11.24 11.28 4.17
N PHE A 176 -10.73 11.52 3.00
CA PHE A 176 -10.98 10.74 1.84
C PHE A 176 -10.36 9.38 1.96
N TYR A 177 -9.06 9.36 2.16
CA TYR A 177 -8.36 8.10 2.27
C TYR A 177 -8.69 7.47 3.58
N MSE A 178 -8.95 8.29 4.56
CA MSE A 178 -9.06 7.82 5.90
C MSE A 178 -10.29 6.97 6.07
O MSE A 178 -10.26 6.00 6.75
CB MSE A 178 -9.08 8.99 6.87
CG MSE A 178 -8.64 8.66 8.24
SE MSE A 178 -8.13 10.15 9.28
CE MSE A 178 -7.12 9.23 10.55
N LEU A 179 -11.38 7.33 5.42
CA LEU A 179 -12.56 6.51 5.45
C LEU A 179 -13.50 6.77 4.30
N GLY A 180 -13.49 7.97 3.74
CA GLY A 180 -14.47 8.35 2.77
C GLY A 180 -14.50 7.55 1.48
N TYR A 181 -13.36 7.34 0.89
CA TYR A 181 -13.27 6.57 -0.32
C TYR A 181 -13.68 5.15 -0.12
N SER A 182 -13.35 4.60 1.02
CA SER A 182 -13.84 3.28 1.44
C SER A 182 -15.35 3.24 1.61
N GLY A 183 -15.89 4.25 2.27
CA GLY A 183 -17.31 4.37 2.37
C GLY A 183 -17.88 4.21 0.97
N TRP A 184 -17.25 4.87 0.01
CA TRP A 184 -17.75 4.83 -1.36
C TRP A 184 -17.66 3.41 -1.94
N GLU A 185 -16.50 2.78 -1.81
CA GLU A 185 -16.30 1.42 -2.31
C GLU A 185 -17.33 0.46 -1.70
N HIS A 186 -17.86 0.82 -0.53
CA HIS A 186 -18.84 -0.01 0.19
C HIS A 186 -20.28 0.47 -0.01
N ASP A 187 -20.50 1.32 -1.01
CA ASP A 187 -21.84 1.76 -1.36
C ASP A 187 -22.56 2.62 -0.31
N TYR A 188 -21.78 3.38 0.44
CA TYR A 188 -22.35 4.46 1.24
C TYR A 188 -22.20 5.81 0.54
N ASN A 189 -23.16 6.70 0.74
CA ASN A 189 -22.95 8.08 0.39
C ASN A 189 -22.01 8.61 1.46
N VAL A 190 -21.04 9.41 1.04
CA VAL A 190 -20.04 9.94 1.95
C VAL A 190 -19.96 11.48 1.90
N LEU A 191 -19.91 12.10 3.07
CA LEU A 191 -19.68 13.53 3.22
C LEU A 191 -18.43 13.73 4.07
N MSE A 192 -17.56 14.63 3.64
CA MSE A 192 -16.30 14.87 4.35
C MSE A 192 -16.22 16.37 4.46
O MSE A 192 -15.91 17.05 3.46
CB MSE A 192 -15.10 14.35 3.56
CG MSE A 192 -15.09 12.83 3.38
SE MSE A 192 -14.30 12.24 1.68
CE MSE A 192 -15.92 12.21 0.59
N VAL A 193 -16.50 16.89 5.63
CA VAL A 193 -16.58 18.33 5.79
C VAL A 193 -15.65 18.83 6.87
N ASP A 194 -14.90 19.87 6.55
CA ASP A 194 -14.03 20.53 7.49
C ASP A 194 -14.83 21.48 8.37
N LEU A 195 -14.80 21.24 9.67
CA LEU A 195 -15.48 22.12 10.62
C LEU A 195 -14.56 23.33 10.92
N PRO A 196 -15.09 24.34 11.63
CA PRO A 196 -14.27 25.49 12.01
C PRO A 196 -13.00 25.06 12.75
N GLY A 197 -11.87 25.65 12.39
CA GLY A 197 -10.60 25.24 12.97
C GLY A 197 -9.85 24.18 12.15
N GLN A 198 -10.54 23.55 11.21
CA GLN A 198 -9.94 22.53 10.35
C GLN A 198 -9.65 22.98 8.91
N GLY A 199 -8.72 22.29 8.24
CA GLY A 199 -8.33 22.66 6.89
C GLY A 199 -8.05 24.16 6.70
N LYS A 200 -8.72 24.77 5.73
CA LYS A 200 -8.43 26.15 5.34
C LYS A 200 -9.31 27.13 6.12
N ASN A 201 -10.18 26.58 6.97
CA ASN A 201 -11.13 27.39 7.74
C ASN A 201 -10.53 28.52 8.57
N PRO A 202 -9.43 28.25 9.27
CA PRO A 202 -8.82 29.37 9.98
C PRO A 202 -8.36 30.48 9.03
N ASN A 203 -8.14 30.17 7.79
CA ASN A 203 -7.72 31.17 6.88
C ASN A 203 -8.86 32.10 6.49
N GLN A 204 -10.08 31.72 6.71
CA GLN A 204 -11.21 32.63 6.51
C GLN A 204 -11.90 32.98 7.82
N GLY A 205 -11.15 32.95 8.91
CA GLY A 205 -11.66 33.37 10.21
C GLY A 205 -12.61 32.41 10.91
N LEU A 206 -12.53 31.13 10.58
CA LEU A 206 -13.35 30.10 11.19
C LEU A 206 -12.45 29.19 12.02
N HIS A 207 -12.44 29.41 13.33
CA HIS A 207 -11.50 28.77 14.24
C HIS A 207 -12.24 27.76 15.07
N PHE A 208 -11.50 26.96 15.84
CA PHE A 208 -12.15 25.95 16.68
C PHE A 208 -13.20 26.62 17.53
N GLU A 209 -14.35 25.96 17.63
CA GLU A 209 -15.41 26.46 18.48
C GLU A 209 -15.69 25.50 19.65
N VAL A 210 -16.47 25.97 20.63
CA VAL A 210 -16.58 25.28 21.91
C VAL A 210 -17.42 24.01 21.79
N ASP A 211 -18.42 24.07 20.93
CA ASP A 211 -19.27 22.93 20.74
C ASP A 211 -19.46 22.70 19.26
N ALA A 212 -19.09 21.50 18.83
CA ALA A 212 -19.09 21.11 17.43
C ALA A 212 -20.46 20.69 16.94
N ARG A 213 -21.40 20.62 17.87
N ARG A 213 -21.41 20.58 17.86
CA ARG A 213 -22.76 20.17 17.58
CA ARG A 213 -22.76 20.16 17.49
C ARG A 213 -23.48 21.03 16.52
C ARG A 213 -23.34 21.04 16.39
N ALA A 214 -23.35 22.35 16.63
CA ALA A 214 -24.01 23.26 15.68
C ALA A 214 -23.45 23.04 14.29
N ALA A 215 -22.12 22.94 14.19
CA ALA A 215 -21.55 22.75 12.88
C ALA A 215 -21.96 21.39 12.29
N ILE A 216 -21.91 20.33 13.08
CA ILE A 216 -22.27 19.03 12.53
C ILE A 216 -23.76 19.06 12.18
N SER A 217 -24.53 19.69 13.05
CA SER A 217 -25.96 19.78 12.78
C SER A 217 -26.28 20.56 11.49
N ALA A 218 -25.46 21.56 11.17
CA ALA A 218 -25.66 22.31 9.93
C ALA A 218 -25.46 21.43 8.69
N ILE A 219 -24.47 20.55 8.73
CA ILE A 219 -24.23 19.62 7.62
C ILE A 219 -25.43 18.73 7.40
N LEU A 220 -26.01 18.24 8.51
CA LEU A 220 -27.23 17.43 8.47
C LEU A 220 -28.42 18.21 7.93
N ASP A 221 -28.54 19.48 8.32
CA ASP A 221 -29.60 20.35 7.78
C ASP A 221 -29.42 20.51 6.29
N TRP A 222 -28.17 20.57 5.89
CA TRP A 222 -27.85 20.86 4.53
C TRP A 222 -28.04 19.65 3.67
N TYR A 223 -27.74 18.48 4.21
CA TYR A 223 -27.76 17.27 3.44
C TYR A 223 -29.17 16.78 3.21
N GLN A 224 -29.47 16.40 2.00
CA GLN A 224 -30.74 15.77 1.77
C GLN A 224 -30.53 14.29 1.64
N ALA A 225 -30.92 13.57 2.67
CA ALA A 225 -30.58 12.19 2.81
C ALA A 225 -31.53 11.27 2.12
N PRO A 226 -31.00 10.37 1.33
CA PRO A 226 -31.80 9.41 0.60
C PRO A 226 -32.47 8.45 1.55
N THR A 227 -31.81 8.12 2.63
CA THR A 227 -32.36 7.26 3.67
C THR A 227 -32.08 7.87 5.03
N GLU A 228 -32.66 7.29 6.08
CA GLU A 228 -32.48 7.81 7.43
C GLU A 228 -31.35 7.09 8.15
N LYS A 229 -30.62 6.27 7.41
CA LYS A 229 -29.52 5.57 8.01
C LYS A 229 -28.27 6.44 7.84
N ILE A 230 -27.98 7.26 8.84
CA ILE A 230 -26.83 8.15 8.78
C ILE A 230 -25.86 7.89 9.92
N ALA A 231 -24.62 7.55 9.57
CA ALA A 231 -23.60 7.24 10.55
C ALA A 231 -22.58 8.36 10.60
N ILE A 232 -21.92 8.54 11.73
CA ILE A 232 -20.86 9.53 11.82
C ILE A 232 -19.59 8.89 12.36
N ALA A 233 -18.45 9.29 11.81
CA ALA A 233 -17.18 8.78 12.28
C ALA A 233 -16.23 9.91 12.60
N GLY A 234 -15.64 9.87 13.78
CA GLY A 234 -14.69 10.89 14.18
C GLY A 234 -13.33 10.33 14.52
N PHE A 235 -12.28 10.98 14.00
CA PHE A 235 -10.89 10.59 14.24
C PHE A 235 -10.17 11.65 15.04
N SER A 236 -9.38 11.20 16.01
CA SER A 236 -8.60 12.06 16.86
C SER A 236 -9.52 13.02 17.60
N GLY A 237 -9.27 14.33 17.50
CA GLY A 237 -10.13 15.32 18.15
C GLY A 237 -11.55 15.19 17.64
N GLY A 238 -11.73 14.63 16.46
CA GLY A 238 -13.07 14.38 15.94
C GLY A 238 -13.85 13.39 16.81
N GLY A 239 -13.12 12.65 17.65
CA GLY A 239 -13.71 11.74 18.63
C GLY A 239 -14.45 12.48 19.72
N TYR A 240 -14.05 13.74 19.93
CA TYR A 240 -14.74 14.64 20.85
C TYR A 240 -15.85 15.35 20.10
N PHE A 241 -15.51 15.92 18.95
CA PHE A 241 -16.50 16.66 18.18
C PHE A 241 -17.74 15.80 17.95
N THR A 242 -17.52 14.56 17.51
CA THR A 242 -18.65 13.69 17.23
C THR A 242 -19.36 13.27 18.52
N ALA A 243 -18.64 13.21 19.63
CA ALA A 243 -19.34 12.93 20.90
C ALA A 243 -20.35 14.07 21.19
N GLN A 244 -19.93 15.32 21.01
CA GLN A 244 -20.83 16.46 21.25
C GLN A 244 -22.08 16.39 20.39
N ALA A 245 -21.91 15.93 19.16
CA ALA A 245 -23.02 15.86 18.22
C ALA A 245 -23.99 14.75 18.55
N VAL A 246 -23.45 13.57 18.85
CA VAL A 246 -24.23 12.34 18.98
C VAL A 246 -25.03 12.41 20.29
N GLU A 247 -24.54 13.23 21.21
CA GLU A 247 -25.15 13.45 22.51
C GLU A 247 -26.44 14.30 22.38
N LYS A 248 -26.60 14.96 21.24
CA LYS A 248 -27.73 15.87 21.01
C LYS A 248 -28.58 15.58 19.76
N ASP A 249 -27.96 15.15 18.67
CA ASP A 249 -28.68 15.05 17.39
C ASP A 249 -29.07 13.62 17.02
N LYS A 250 -30.37 13.36 17.05
CA LYS A 250 -30.90 12.02 16.91
C LYS A 250 -30.98 11.54 15.46
N ARG A 251 -30.65 12.42 14.51
CA ARG A 251 -30.60 12.00 13.12
C ARG A 251 -29.40 11.07 12.90
N ILE A 252 -28.46 11.10 13.82
CA ILE A 252 -27.32 10.21 13.72
C ILE A 252 -27.69 8.83 14.27
N LYS A 253 -27.55 7.81 13.43
CA LYS A 253 -28.04 6.47 13.76
C LYS A 253 -26.91 5.52 14.12
N ALA A 254 -25.68 5.99 14.07
CA ALA A 254 -24.52 5.16 14.39
C ALA A 254 -23.25 5.99 14.58
N TRP A 255 -22.41 5.59 15.50
CA TRP A 255 -21.25 6.38 15.90
C TRP A 255 -20.02 5.51 15.87
N ILE A 256 -19.04 5.92 15.06
CA ILE A 256 -17.70 5.31 15.04
C ILE A 256 -16.72 6.37 15.53
N ALA A 257 -15.86 6.03 16.47
CA ALA A 257 -14.89 6.97 16.98
C ALA A 257 -13.50 6.36 17.25
N SER A 258 -12.49 7.07 16.78
CA SER A 258 -11.12 6.65 16.90
C SER A 258 -10.28 7.84 17.35
N THR A 259 -10.20 8.09 18.66
CA THR A 259 -10.95 7.41 19.72
C THR A 259 -12.06 8.31 20.24
N PRO A 260 -13.05 7.74 20.97
CA PRO A 260 -14.13 8.59 21.54
C PRO A 260 -13.62 9.45 22.70
N ILE A 261 -14.00 10.73 22.74
CA ILE A 261 -13.55 11.58 23.85
C ILE A 261 -14.71 12.35 24.41
N TYR A 262 -14.92 12.26 25.72
CA TYR A 262 -15.97 13.08 26.34
C TYR A 262 -15.37 14.23 27.16
N ASP A 263 -14.09 14.14 27.49
CA ASP A 263 -13.46 15.19 28.32
C ASP A 263 -12.14 15.67 27.71
N VAL A 264 -12.24 16.60 26.76
CA VAL A 264 -11.07 17.11 26.04
C VAL A 264 -10.13 17.96 26.92
N ALA A 265 -10.68 18.64 27.92
CA ALA A 265 -9.84 19.47 28.78
C ALA A 265 -8.88 18.57 29.52
N GLU A 266 -9.42 17.45 30.01
CA GLU A 266 -8.62 16.43 30.67
C GLU A 266 -7.51 15.92 29.77
N VAL A 267 -7.83 15.68 28.50
CA VAL A 267 -6.81 15.27 27.53
C VAL A 267 -5.70 16.33 27.45
N PHE A 268 -6.10 17.59 27.44
CA PHE A 268 -5.16 18.70 27.43
C PHE A 268 -4.36 18.82 28.73
N ARG A 269 -5.06 18.91 29.85
CA ARG A 269 -4.38 18.99 31.15
C ARG A 269 -3.27 17.97 31.17
N ILE A 270 -3.68 16.71 31.15
CA ILE A 270 -2.79 15.57 31.15
C ILE A 270 -1.68 15.59 30.09
N SER A 271 -1.97 16.16 28.92
CA SER A 271 -0.95 16.28 27.88
C SER A 271 0.16 17.26 28.25
N PHE A 272 -0.22 18.49 28.58
CA PHE A 272 0.75 19.56 28.76
C PHE A 272 0.70 20.13 30.18
N SER A 273 0.85 19.23 31.15
CA SER A 273 0.92 19.61 32.55
C SER A 273 2.04 20.60 32.82
N SER A 292 10.86 24.69 21.34
CA SER A 292 12.18 24.70 21.95
C SER A 292 13.23 24.13 21.03
N VAL A 293 13.76 22.99 21.45
CA VAL A 293 14.75 22.23 20.70
C VAL A 293 14.03 21.26 19.80
N ASN A 294 12.78 21.00 20.09
CA ASN A 294 11.94 20.18 19.22
C ASN A 294 11.22 21.10 18.21
N LYS A 295 11.91 21.39 17.11
N LYS A 295 11.92 21.39 17.11
CA LYS A 295 11.40 22.29 16.07
CA LYS A 295 11.41 22.27 16.05
C LYS A 295 10.14 21.75 15.43
C LYS A 295 10.10 21.75 15.49
N VAL A 296 9.95 20.44 15.49
CA VAL A 296 8.79 19.76 14.90
C VAL A 296 7.52 20.03 15.69
N ALA A 297 7.57 19.71 16.98
CA ALA A 297 6.47 19.99 17.88
C ALA A 297 6.19 21.48 17.81
N GLU A 298 7.24 22.28 17.87
CA GLU A 298 7.10 23.74 17.86
C GLU A 298 6.29 24.26 16.67
N VAL A 299 6.63 23.83 15.46
CA VAL A 299 5.87 24.28 14.31
C VAL A 299 4.44 23.77 14.42
N ASN A 300 4.28 22.55 14.89
CA ASN A 300 2.96 21.98 14.98
C ASN A 300 2.08 22.70 16.02
N LEU A 301 2.68 23.14 17.11
CA LEU A 301 1.94 23.96 18.08
C LEU A 301 1.52 25.30 17.49
N ASN A 302 2.40 25.89 16.68
CA ASN A 302 2.08 27.15 16.00
C ASN A 302 0.88 26.98 15.08
N LYS A 303 0.82 25.84 14.39
CA LYS A 303 -0.33 25.55 13.55
C LYS A 303 -1.60 25.51 14.40
N TYR A 304 -1.52 24.86 15.56
CA TYR A 304 -2.65 24.81 16.49
C TYR A 304 -3.13 26.20 16.88
N ALA A 305 -2.20 27.06 17.25
CA ALA A 305 -2.59 28.41 17.69
C ALA A 305 -3.35 29.10 16.57
N TRP A 306 -2.88 28.92 15.34
CA TRP A 306 -3.53 29.46 14.15
C TRP A 306 -4.96 28.94 13.99
N GLN A 307 -5.12 27.63 14.18
CA GLN A 307 -6.44 26.98 14.17
C GLN A 307 -7.38 27.47 15.27
N PHE A 308 -6.82 27.77 16.43
CA PHE A 308 -7.63 28.25 17.53
C PHE A 308 -7.88 29.75 17.40
N GLY A 309 -7.07 30.41 16.57
CA GLY A 309 -7.15 31.86 16.42
C GLY A 309 -6.57 32.63 17.58
N GLN A 310 -5.52 32.11 18.21
CA GLN A 310 -4.93 32.78 19.35
C GLN A 310 -3.48 33.07 19.03
N VAL A 311 -2.87 33.91 19.85
CA VAL A 311 -1.51 34.38 19.56
C VAL A 311 -0.48 33.28 19.81
N ASP A 312 -0.82 32.32 20.64
CA ASP A 312 0.05 31.17 20.81
C ASP A 312 -0.68 29.95 21.38
N PHE A 313 0.02 28.81 21.48
CA PHE A 313 -0.60 27.56 21.87
C PHE A 313 -0.97 27.53 23.35
N ILE A 314 -0.23 28.27 24.16
CA ILE A 314 -0.56 28.33 25.57
C ILE A 314 -1.90 29.01 25.81
N THR A 315 -2.10 30.18 25.20
CA THR A 315 -3.40 30.85 25.28
C THR A 315 -4.50 29.89 24.81
N SER A 316 -4.21 29.18 23.72
CA SER A 316 -5.11 28.17 23.14
C SER A 316 -5.48 27.08 24.14
N VAL A 317 -4.49 26.54 24.85
CA VAL A 317 -4.75 25.52 25.87
C VAL A 317 -5.62 26.06 26.99
N ASN A 318 -5.30 27.26 27.45
CA ASN A 318 -6.12 27.89 28.47
C ASN A 318 -7.55 28.02 28.01
N GLU A 319 -7.74 28.42 26.76
CA GLU A 319 -9.07 28.50 26.18
C GLU A 319 -9.80 27.16 26.35
N VAL A 320 -9.15 26.06 26.00
CA VAL A 320 -9.76 24.76 26.16
C VAL A 320 -10.05 24.45 27.64
N LEU A 321 -9.08 24.69 28.51
CA LEU A 321 -9.24 24.33 29.91
C LEU A 321 -10.44 25.05 30.50
N GLU A 322 -10.66 26.29 30.11
CA GLU A 322 -11.77 27.03 30.71
C GLU A 322 -13.08 27.07 29.91
N GLN A 323 -13.12 26.49 28.72
CA GLN A 323 -14.34 26.59 27.94
C GLN A 323 -14.90 25.26 27.45
N ALA A 324 -14.01 24.30 27.20
CA ALA A 324 -14.44 22.98 26.75
C ALA A 324 -15.36 22.39 27.80
N GLN A 325 -16.56 22.02 27.39
CA GLN A 325 -17.50 21.36 28.30
C GLN A 325 -17.47 19.84 28.18
N ILE A 326 -17.52 19.19 29.33
CA ILE A 326 -17.54 17.74 29.37
C ILE A 326 -18.80 17.22 28.68
N VAL A 327 -18.67 16.17 27.88
CA VAL A 327 -19.85 15.59 27.22
C VAL A 327 -20.65 14.76 28.21
N ASP A 328 -21.95 14.99 28.23
CA ASP A 328 -22.85 14.20 29.06
C ASP A 328 -23.14 12.88 28.38
N TYR A 329 -22.16 11.99 28.44
CA TYR A 329 -22.20 10.75 27.70
C TYR A 329 -23.31 9.80 28.14
N ASN A 330 -23.81 9.98 29.37
CA ASN A 330 -24.99 9.21 29.81
C ASN A 330 -26.21 9.39 28.94
N LYS A 331 -26.26 10.51 28.21
CA LYS A 331 -27.38 10.77 27.30
C LYS A 331 -27.19 10.16 25.91
N ILE A 332 -26.01 9.65 25.60
CA ILE A 332 -25.75 9.10 24.27
C ILE A 332 -26.46 7.75 24.05
N ASP A 333 -27.29 7.70 23.01
CA ASP A 333 -28.09 6.52 22.71
C ASP A 333 -27.93 6.13 21.28
N VAL A 334 -26.79 5.56 20.92
CA VAL A 334 -26.58 5.22 19.53
C VAL A 334 -25.63 4.04 19.50
N PRO A 335 -25.87 3.09 18.57
CA PRO A 335 -24.90 2.02 18.33
C PRO A 335 -23.53 2.65 18.10
N SER A 336 -22.52 2.16 18.80
CA SER A 336 -21.24 2.79 18.78
C SER A 336 -20.15 1.78 18.55
N LEU A 337 -19.13 2.21 17.80
CA LEU A 337 -17.91 1.45 17.60
C LEU A 337 -16.73 2.34 17.96
N PHE A 338 -15.97 1.88 18.94
CA PHE A 338 -14.77 2.58 19.37
C PHE A 338 -13.55 1.80 18.93
N LEU A 339 -12.58 2.52 18.36
CA LEU A 339 -11.39 1.95 17.73
C LEU A 339 -10.20 2.51 18.47
N VAL A 340 -9.44 1.67 19.12
CA VAL A 340 -8.32 2.24 19.87
C VAL A 340 -7.08 1.35 19.78
N GLY A 341 -5.93 1.99 19.59
CA GLY A 341 -4.71 1.24 19.44
C GLY A 341 -4.06 0.91 20.77
N ALA A 342 -3.36 -0.22 20.81
CA ALA A 342 -2.50 -0.54 21.94
C ALA A 342 -1.37 0.48 22.08
N GLY A 343 -1.02 1.14 20.97
CA GLY A 343 0.02 2.14 20.98
C GLY A 343 -0.42 3.56 21.31
N GLU A 344 -1.59 3.72 21.93
CA GLU A 344 -2.16 5.04 22.15
C GLU A 344 -2.03 5.50 23.58
N ASP A 345 -2.13 6.81 23.80
CA ASP A 345 -2.10 7.40 25.15
C ASP A 345 -3.03 6.66 26.07
N SER A 346 -2.60 6.40 27.30
CA SER A 346 -3.43 5.70 28.26
C SER A 346 -4.65 6.51 28.65
N GLU A 347 -4.57 7.83 28.42
CA GLU A 347 -5.69 8.71 28.75
C GLU A 347 -6.88 8.54 27.82
N LEU A 348 -6.60 8.26 26.55
CA LEU A 348 -7.63 8.05 25.54
C LEU A 348 -8.25 6.66 25.66
N MSE A 349 -7.42 5.69 26.07
CA MSE A 349 -7.85 4.33 26.28
C MSE A 349 -8.77 4.37 27.50
O MSE A 349 -9.85 3.78 27.50
CB MSE A 349 -6.63 3.44 26.50
CG MSE A 349 -6.92 1.94 26.70
SE MSE A 349 -8.38 1.12 25.68
CE MSE A 349 -8.35 -0.60 26.59
N ARG A 350 -8.36 5.13 28.50
CA ARG A 350 -9.16 5.35 29.68
C ARG A 350 -10.54 5.93 29.37
N GLN A 351 -10.62 7.01 28.59
CA GLN A 351 -11.94 7.60 28.26
C GLN A 351 -12.80 6.64 27.44
N SER A 352 -12.17 5.91 26.51
CA SER A 352 -12.86 4.88 25.73
C SER A 352 -13.44 3.79 26.61
N GLN A 353 -12.68 3.38 27.64
CA GLN A 353 -13.15 2.35 28.54
C GLN A 353 -14.31 2.85 29.39
N VAL A 354 -14.24 4.10 29.82
CA VAL A 354 -15.34 4.67 30.60
C VAL A 354 -16.63 4.65 29.80
N LEU A 355 -16.55 5.09 28.56
CA LEU A 355 -17.74 5.08 27.71
C LEU A 355 -18.24 3.66 27.46
N TYR A 356 -17.32 2.72 27.23
CA TYR A 356 -17.72 1.39 26.87
C TYR A 356 -18.51 0.83 28.03
N ASP A 357 -18.02 1.09 29.23
CA ASP A 357 -18.62 0.49 30.41
C ASP A 357 -19.99 1.14 30.68
N ASN A 358 -20.06 2.44 30.45
CA ASN A 358 -21.33 3.15 30.63
C ASN A 358 -22.37 2.68 29.61
N PHE A 359 -21.99 2.66 28.33
CA PHE A 359 -22.90 2.24 27.29
C PHE A 359 -23.38 0.80 27.53
N LYS A 360 -22.45 -0.05 27.93
CA LYS A 360 -22.77 -1.45 28.18
C LYS A 360 -23.76 -1.66 29.36
N GLN A 361 -23.57 -0.92 30.47
CA GLN A 361 -24.56 -1.02 31.55
C GLN A 361 -25.94 -0.55 31.10
N ARG A 362 -25.95 0.36 30.14
CA ARG A 362 -27.20 0.95 29.70
C ARG A 362 -27.80 0.21 28.52
N GLY A 363 -27.22 -0.94 28.20
CA GLY A 363 -27.75 -1.78 27.13
C GLY A 363 -27.54 -1.19 25.74
N ILE A 364 -26.58 -0.30 25.59
CA ILE A 364 -26.29 0.20 24.23
C ILE A 364 -25.53 -0.85 23.44
N ASP A 365 -25.85 -0.97 22.16
CA ASP A 365 -25.02 -1.78 21.27
C ASP A 365 -23.69 -1.08 21.05
N VAL A 366 -22.69 -1.44 21.86
CA VAL A 366 -21.41 -0.79 21.85
C VAL A 366 -20.32 -1.84 21.60
N THR A 367 -19.33 -1.47 20.78
CA THR A 367 -18.20 -2.35 20.54
C THR A 367 -16.89 -1.60 20.74
N LEU A 368 -15.99 -2.18 21.52
CA LEU A 368 -14.68 -1.58 21.73
C LEU A 368 -13.59 -2.43 21.09
N ARG A 369 -13.06 -1.96 19.95
CA ARG A 369 -11.98 -2.69 19.28
C ARG A 369 -10.60 -2.13 19.63
N LYS A 370 -9.81 -2.95 20.35
CA LYS A 370 -8.42 -2.66 20.60
C LYS A 370 -7.55 -3.33 19.53
N PHE A 371 -6.74 -2.55 18.83
CA PHE A 371 -5.87 -3.10 17.78
C PHE A 371 -4.54 -3.36 18.41
N SER A 372 -4.18 -4.63 18.53
CA SER A 372 -2.87 -5.01 19.06
C SER A 372 -1.71 -4.48 18.19
N SER A 373 -0.51 -4.51 18.76
CA SER A 373 0.68 -4.19 18.00
C SER A 373 0.82 -5.18 16.84
N GLU A 374 0.48 -6.41 17.08
CA GLU A 374 0.63 -7.47 16.15
C GLU A 374 -0.23 -7.27 14.93
N SER A 375 -1.35 -6.59 15.12
CA SER A 375 -2.26 -6.31 14.01
C SER A 375 -1.63 -5.30 13.06
N GLY A 376 -0.64 -4.55 13.54
CA GLY A 376 0.00 -3.53 12.74
C GLY A 376 -0.87 -2.29 12.60
N ALA A 377 -1.91 -2.21 13.43
CA ALA A 377 -2.94 -1.16 13.34
C ALA A 377 -3.11 -0.37 14.66
N ASP A 378 -2.07 -0.41 15.49
CA ASP A 378 -2.15 0.07 16.87
C ASP A 378 -1.75 1.53 17.01
N ALA A 379 -1.44 2.20 15.91
CA ALA A 379 -1.11 3.60 15.99
C ALA A 379 -2.40 4.44 16.09
N HIS A 380 -2.26 5.66 16.58
CA HIS A 380 -3.39 6.59 16.59
C HIS A 380 -4.07 6.65 15.23
N CYS A 381 -5.41 6.62 15.21
CA CYS A 381 -6.19 6.60 13.97
C CYS A 381 -5.95 5.39 13.06
N GLN A 382 -5.33 4.35 13.59
CA GLN A 382 -5.02 3.16 12.80
C GLN A 382 -4.22 3.47 11.52
N VAL A 383 -3.35 4.50 11.55
CA VAL A 383 -2.68 4.93 10.31
C VAL A 383 -1.73 3.90 9.74
N ASN A 384 -1.28 2.96 10.60
CA ASN A 384 -0.28 2.00 10.20
C ASN A 384 -0.92 0.77 9.57
N ASN A 385 -2.25 0.76 9.60
CA ASN A 385 -2.99 -0.26 8.87
C ASN A 385 -4.44 0.14 8.60
N PHE A 386 -4.60 1.12 7.72
CA PHE A 386 -5.91 1.66 7.38
C PHE A 386 -6.86 0.58 6.86
N ARG A 387 -6.33 -0.30 6.05
CA ARG A 387 -7.04 -1.39 5.46
C ARG A 387 -7.75 -2.25 6.47
N LEU A 388 -7.05 -2.67 7.48
CA LEU A 388 -7.65 -3.49 8.51
C LEU A 388 -8.76 -2.71 9.21
N MSE A 389 -8.51 -1.42 9.46
CA MSE A 389 -9.49 -0.59 10.12
C MSE A 389 -10.73 -0.45 9.28
O MSE A 389 -11.82 -0.44 9.82
CB MSE A 389 -8.93 0.77 10.48
CG MSE A 389 -9.93 1.58 11.24
SE MSE A 389 -10.80 2.91 10.08
CE MSE A 389 -9.30 4.11 9.74
N HIS A 390 -10.57 -0.36 7.95
CA HIS A 390 -11.74 -0.26 7.06
C HIS A 390 -12.61 -1.50 7.08
N TYR A 391 -11.97 -2.67 7.16
CA TYR A 391 -12.69 -3.93 7.25
C TYR A 391 -13.56 -3.95 8.51
N GLN A 392 -12.95 -3.54 9.62
CA GLN A 392 -13.63 -3.53 10.89
C GLN A 392 -14.78 -2.55 10.85
N VAL A 393 -14.54 -1.33 10.38
CA VAL A 393 -15.61 -0.34 10.32
C VAL A 393 -16.80 -0.80 9.46
N PHE A 394 -16.55 -1.20 8.22
CA PHE A 394 -17.68 -1.49 7.33
C PHE A 394 -18.42 -2.82 7.58
N GLU A 395 -17.73 -3.81 8.13
CA GLU A 395 -18.44 -5.00 8.58
C GLU A 395 -19.39 -4.69 9.72
N TRP A 396 -18.93 -3.86 10.65
CA TRP A 396 -19.77 -3.48 11.77
C TRP A 396 -20.98 -2.66 11.30
N LEU A 397 -20.73 -1.72 10.40
CA LEU A 397 -21.75 -0.73 10.06
C LEU A 397 -22.82 -1.36 9.17
N ASN A 398 -22.38 -2.29 8.32
CA ASN A 398 -23.33 -3.02 7.49
C ASN A 398 -24.25 -3.83 8.37
N HIS A 399 -23.68 -4.45 9.41
CA HIS A 399 -24.47 -5.18 10.37
C HIS A 399 -25.46 -4.27 11.11
N ILE A 400 -25.00 -3.11 11.55
CA ILE A 400 -25.87 -2.21 12.29
C ILE A 400 -27.00 -1.67 11.40
N PHE A 401 -26.68 -1.43 10.14
CA PHE A 401 -27.62 -0.81 9.20
C PHE A 401 -28.46 -1.79 8.35
N LYS A 402 -28.06 -3.05 8.27
CA LYS A 402 -28.93 -4.02 7.59
C LYS A 402 -29.76 -4.82 8.58
N GLN B 14 18.83 0.30 -5.56
CA GLN B 14 18.63 0.35 -4.13
C GLN B 14 19.89 0.81 -3.41
N ASP B 15 20.01 2.07 -2.94
CA ASP B 15 21.26 2.33 -2.21
C ASP B 15 21.15 3.35 -1.06
N TYR B 16 20.18 3.11 -0.18
CA TYR B 16 20.06 3.71 1.15
C TYR B 16 19.14 2.72 1.85
N LYS B 17 19.24 2.58 3.17
CA LYS B 17 18.55 1.48 3.81
C LYS B 17 17.14 1.82 4.23
N ILE B 18 16.28 0.83 4.27
CA ILE B 18 14.97 0.91 4.88
C ILE B 18 15.02 0.57 6.35
N LYS B 19 15.59 -0.57 6.68
CA LYS B 19 15.70 -1.01 8.06
C LYS B 19 16.97 -1.70 8.48
N PHE B 20 17.51 -2.55 7.64
CA PHE B 20 18.67 -3.34 8.01
C PHE B 20 19.94 -2.88 7.33
N ASN B 21 21.07 -3.04 8.00
CA ASN B 21 22.36 -2.88 7.37
C ASN B 21 22.82 -4.03 6.48
N ASN B 22 22.46 -5.23 6.82
CA ASN B 22 22.64 -6.37 5.92
C ASN B 22 21.84 -6.15 4.65
N LYS B 23 22.55 -6.09 3.52
CA LYS B 23 21.96 -5.64 2.27
C LYS B 23 20.95 -6.61 1.68
N ASP B 24 21.27 -7.90 1.73
CA ASP B 24 20.31 -8.91 1.30
C ASP B 24 19.02 -8.83 2.13
N MSE B 25 19.17 -8.78 3.44
CA MSE B 25 17.98 -8.72 4.28
C MSE B 25 17.15 -7.44 3.99
O MSE B 25 15.93 -7.48 3.80
CB MSE B 25 18.35 -8.82 5.74
CG MSE B 25 17.15 -8.99 6.64
SE MSE B 25 17.66 -9.37 8.48
CE MSE B 25 17.75 -11.30 8.38
N ASP B 26 17.83 -6.30 3.93
CA ASP B 26 17.13 -5.04 3.67
C ASP B 26 16.40 -5.07 2.34
N PHE B 27 17.03 -5.63 1.31
CA PHE B 27 16.36 -5.78 0.00
C PHE B 27 15.10 -6.62 0.08
N CYS B 28 15.22 -7.78 0.72
N CYS B 28 15.21 -7.76 0.73
CA CYS B 28 14.04 -8.61 1.00
CA CYS B 28 14.04 -8.59 0.95
C CYS B 28 12.97 -7.81 1.73
C CYS B 28 12.97 -7.87 1.78
N PHE B 29 13.39 -7.09 2.77
CA PHE B 29 12.43 -6.35 3.60
C PHE B 29 11.74 -5.31 2.71
N ASN B 30 12.53 -4.58 1.92
CA ASN B 30 12.00 -3.62 0.97
C ASN B 30 10.97 -4.25 0.04
N TRP B 31 11.33 -5.42 -0.45
CA TRP B 31 10.46 -6.20 -1.32
C TRP B 31 9.17 -6.64 -0.61
N MSE B 32 9.29 -7.14 0.61
CA MSE B 32 8.10 -7.50 1.35
C MSE B 32 7.18 -6.28 1.55
O MSE B 32 5.97 -6.37 1.41
CB MSE B 32 8.43 -8.15 2.71
CG MSE B 32 9.27 -9.44 2.59
SE MSE B 32 8.42 -10.84 1.41
CE MSE B 32 9.65 -10.82 -0.14
N LEU B 33 7.76 -5.13 1.87
CA LEU B 33 6.96 -3.91 1.97
C LEU B 33 6.20 -3.65 0.70
N GLY B 34 6.90 -3.75 -0.44
CA GLY B 34 6.30 -3.50 -1.73
C GLY B 34 5.08 -4.35 -1.99
N ILE B 35 5.16 -5.64 -1.65
CA ILE B 35 4.00 -6.52 -1.77
C ILE B 35 2.76 -6.00 -1.03
N GLY B 36 2.97 -5.40 0.13
CA GLY B 36 1.86 -4.98 0.95
C GLY B 36 1.09 -3.86 0.28
N GLN B 37 1.74 -3.19 -0.65
CA GLN B 37 1.06 -2.16 -1.41
C GLN B 37 -0.06 -2.77 -2.27
N ILE B 38 0.09 -4.03 -2.62
CA ILE B 38 -0.86 -4.70 -3.53
C ILE B 38 -1.85 -5.59 -2.83
N ILE B 39 -1.35 -6.51 -2.01
CA ILE B 39 -2.16 -7.38 -1.15
C ILE B 39 -1.42 -7.68 0.13
N GLY B 40 -2.16 -8.04 1.16
CA GLY B 40 -1.54 -8.53 2.37
C GLY B 40 -1.12 -7.46 3.36
N MSE B 41 0.09 -7.61 3.88
CA MSE B 41 0.43 -6.95 5.14
C MSE B 41 0.78 -5.49 4.97
O MSE B 41 1.47 -5.08 4.02
CB MSE B 41 1.61 -7.65 5.79
CG MSE B 41 1.36 -9.09 6.19
SE MSE B 41 3.05 -9.74 6.87
CE MSE B 41 3.83 -10.26 5.16
N SER B 42 0.31 -4.71 5.95
CA SER B 42 0.58 -3.28 5.97
C SER B 42 1.99 -3.04 6.41
N ALA B 43 2.46 -1.83 6.19
CA ALA B 43 3.78 -1.45 6.65
C ALA B 43 3.85 -1.61 8.16
N GLY B 44 2.71 -1.40 8.81
CA GLY B 44 2.56 -1.59 10.25
C GLY B 44 2.90 -2.98 10.70
N GLU B 45 2.30 -4.00 10.09
CA GLU B 45 2.63 -5.37 10.41
C GLU B 45 4.10 -5.61 10.14
N LEU B 46 4.60 -5.08 9.04
CA LEU B 46 5.98 -5.39 8.66
C LEU B 46 7.01 -4.80 9.59
N PHE B 47 6.81 -3.55 10.01
CA PHE B 47 7.73 -3.04 11.03
C PHE B 47 7.56 -3.70 12.39
N TYR B 48 6.35 -4.17 12.69
CA TYR B 48 6.15 -4.88 13.94
C TYR B 48 6.99 -6.17 13.89
N ILE B 49 6.82 -6.93 12.82
CA ILE B 49 7.54 -8.18 12.64
C ILE B 49 9.05 -7.91 12.71
N ALA B 50 9.50 -6.84 12.04
CA ALA B 50 10.93 -6.56 11.93
C ALA B 50 11.53 -6.08 13.24
N SER B 51 10.70 -5.65 14.17
CA SER B 51 11.27 -5.19 15.41
C SER B 51 11.80 -6.36 16.23
N GLY B 52 11.46 -7.59 15.84
CA GLY B 52 11.98 -8.78 16.53
C GLY B 52 13.14 -9.45 15.78
N ILE B 53 13.69 -8.77 14.78
CA ILE B 53 14.72 -9.36 13.91
C ILE B 53 16.09 -8.67 14.07
N ARG B 54 17.06 -9.37 14.62
CA ARG B 54 18.40 -8.81 14.67
C ARG B 54 19.02 -8.74 13.27
N ASP B 55 19.79 -7.70 13.01
CA ASP B 55 20.35 -7.46 11.68
C ASP B 55 21.14 -8.71 11.18
N GLY B 56 20.84 -9.17 9.97
CA GLY B 56 21.56 -10.29 9.41
C GLY B 56 21.31 -11.62 10.11
N ASN B 57 20.23 -11.73 10.88
CA ASN B 57 19.87 -12.98 11.57
C ASN B 57 18.70 -13.67 10.87
N PRO B 58 18.99 -14.68 10.02
CA PRO B 58 17.97 -15.40 9.24
C PRO B 58 17.04 -16.20 10.12
N THR B 59 17.56 -16.66 11.24
CA THR B 59 16.78 -17.43 12.20
C THR B 59 15.67 -16.60 12.87
N ASP B 60 16.01 -15.41 13.36
CA ASP B 60 15.00 -14.44 13.86
C ASP B 60 13.99 -14.12 12.76
N TRP B 61 14.49 -13.91 11.52
CA TRP B 61 13.63 -13.54 10.39
C TRP B 61 12.50 -14.57 10.17
N CYS B 62 12.90 -15.83 10.00
CA CYS B 62 11.97 -16.97 9.86
C CYS B 62 11.03 -17.11 11.03
N LYS B 63 11.56 -17.01 12.24
CA LYS B 63 10.75 -17.15 13.43
C LYS B 63 9.66 -16.08 13.47
N ARG B 64 10.03 -14.81 13.24
CA ARG B 64 9.06 -13.71 13.36
C ARG B 64 8.03 -13.80 12.24
N PHE B 65 8.45 -14.17 11.05
CA PHE B 65 7.51 -14.20 9.93
C PHE B 65 6.56 -15.43 10.03
N ASN B 66 7.10 -16.58 10.39
CA ASN B 66 6.28 -17.77 10.72
C ASN B 66 5.27 -17.53 11.86
N GLU B 67 5.69 -16.82 12.92
CA GLU B 67 4.76 -16.52 14.02
C GLU B 67 3.67 -15.55 13.60
N HIS B 68 4.01 -14.57 12.76
CA HIS B 68 2.97 -13.66 12.31
C HIS B 68 1.91 -14.42 11.55
N ALA B 69 2.33 -15.42 10.76
CA ALA B 69 1.38 -16.25 10.00
C ALA B 69 0.43 -16.98 10.95
N ASP B 70 0.98 -17.50 12.05
CA ASP B 70 0.17 -18.11 13.10
C ASP B 70 -0.87 -17.19 13.70
N TYR B 71 -0.45 -15.98 14.02
CA TYR B 71 -1.35 -14.97 14.56
C TYR B 71 -2.51 -14.74 13.58
N LEU B 72 -2.17 -14.66 12.31
CA LEU B 72 -3.17 -14.37 11.29
C LEU B 72 -4.18 -15.49 11.08
N GLU B 73 -3.70 -16.74 11.09
CA GLU B 73 -4.60 -17.91 11.08
C GLU B 73 -5.50 -17.94 12.31
N ASP B 74 -4.98 -17.50 13.46
CA ASP B 74 -5.80 -17.42 14.65
C ASP B 74 -6.87 -16.37 14.47
N GLU B 75 -6.52 -15.24 13.82
CA GLU B 75 -7.53 -14.20 13.52
C GLU B 75 -8.62 -14.76 12.63
N VAL B 76 -8.22 -15.46 11.57
CA VAL B 76 -9.20 -16.09 10.69
C VAL B 76 -10.20 -16.92 11.51
N GLU B 77 -9.74 -17.62 12.52
CA GLU B 77 -10.63 -18.41 13.33
C GLU B 77 -11.56 -17.60 14.20
N ARG B 78 -11.14 -16.44 14.66
CA ARG B 78 -12.05 -15.61 15.42
C ARG B 78 -13.07 -14.96 14.53
N VAL B 79 -12.61 -14.43 13.43
CA VAL B 79 -13.50 -13.66 12.57
C VAL B 79 -14.44 -14.58 11.81
N LYS B 80 -14.10 -15.83 11.68
CA LYS B 80 -15.01 -16.64 10.92
C LYS B 80 -16.35 -16.50 11.60
N LYS B 81 -16.32 -16.50 12.92
CA LYS B 81 -17.55 -16.64 13.69
C LYS B 81 -18.57 -15.57 13.31
N VAL B 82 -18.20 -14.73 12.34
CA VAL B 82 -19.10 -13.70 11.85
C VAL B 82 -19.07 -13.63 10.31
N GLY B 83 -18.38 -14.59 9.70
CA GLY B 83 -18.30 -14.65 8.25
C GLY B 83 -18.10 -13.29 7.61
N TYR B 84 -17.12 -12.54 8.12
CA TYR B 84 -16.64 -11.35 7.44
C TYR B 84 -15.83 -11.71 6.20
N ARG B 85 -16.54 -12.02 5.11
CA ARG B 85 -15.93 -12.64 3.95
C ARG B 85 -14.73 -11.84 3.46
N ASP B 86 -14.97 -10.57 3.14
CA ASP B 86 -13.90 -9.68 2.67
C ASP B 86 -12.64 -9.86 3.51
N LEU B 87 -12.80 -9.90 4.83
CA LEU B 87 -11.67 -9.81 5.74
C LEU B 87 -10.88 -11.12 5.75
N ILE B 88 -11.58 -12.24 5.61
CA ILE B 88 -10.95 -13.55 5.69
C ILE B 88 -9.97 -13.75 4.55
N SER B 89 -10.33 -13.27 3.37
CA SER B 89 -9.47 -13.37 2.21
C SER B 89 -8.18 -12.57 2.44
N HIS B 90 -8.32 -11.37 3.01
CA HIS B 90 -7.17 -10.47 3.23
C HIS B 90 -6.20 -11.06 4.25
N LEU B 91 -6.74 -11.55 5.36
CA LEU B 91 -5.93 -12.24 6.36
C LEU B 91 -5.23 -13.48 5.79
N TYR B 92 -5.94 -14.30 5.04
CA TYR B 92 -5.29 -15.42 4.37
C TYR B 92 -4.15 -15.02 3.41
N PHE B 93 -4.36 -13.98 2.61
CA PHE B 93 -3.30 -13.48 1.73
C PHE B 93 -2.12 -13.03 2.57
N SER B 94 -2.40 -12.35 3.67
CA SER B 94 -1.32 -11.80 4.50
C SER B 94 -0.52 -12.91 5.12
N ALA B 95 -1.22 -13.94 5.60
CA ALA B 95 -0.58 -15.10 6.20
C ALA B 95 0.29 -15.81 5.16
N CYS B 96 -0.27 -16.04 3.98
CA CYS B 96 0.45 -16.61 2.87
C CYS B 96 1.78 -15.88 2.57
N PHE B 97 1.72 -14.57 2.40
CA PHE B 97 2.94 -13.81 2.08
C PHE B 97 3.87 -13.65 3.28
N SER B 98 3.33 -13.93 4.47
CA SER B 98 4.16 -13.92 5.65
C SER B 98 5.04 -15.20 5.68
N ILE B 99 4.45 -16.32 5.33
CA ILE B 99 5.19 -17.55 5.17
C ILE B 99 6.16 -17.43 3.99
N ARG B 100 5.72 -16.80 2.91
CA ARG B 100 6.60 -16.58 1.78
C ARG B 100 7.84 -15.79 2.21
N ALA B 101 7.66 -14.76 3.02
CA ALA B 101 8.81 -14.01 3.53
C ALA B 101 9.77 -14.91 4.31
N ALA B 102 9.23 -15.69 5.25
CA ALA B 102 10.04 -16.64 6.00
C ALA B 102 10.82 -17.61 5.09
N LEU B 103 10.16 -18.14 4.07
CA LEU B 103 10.79 -19.05 3.12
C LEU B 103 12.01 -18.45 2.43
N GLN B 104 12.00 -17.15 2.21
CA GLN B 104 13.09 -16.52 1.47
C GLN B 104 14.43 -16.79 2.14
N PHE B 105 14.40 -16.92 3.46
CA PHE B 105 15.62 -17.16 4.24
C PHE B 105 15.59 -18.50 4.97
N THR B 106 14.81 -19.43 4.43
CA THR B 106 14.82 -20.80 4.93
C THR B 106 15.72 -21.68 4.05
N ASP B 107 16.59 -22.44 4.69
CA ASP B 107 17.50 -23.35 4.02
C ASP B 107 16.72 -24.55 3.52
N PRO B 108 16.96 -24.94 2.28
CA PRO B 108 16.28 -26.09 1.67
C PRO B 108 16.54 -27.36 2.47
N LYS B 109 17.59 -27.42 3.29
CA LYS B 109 17.93 -28.61 4.07
C LYS B 109 17.16 -28.63 5.38
N ASP B 110 16.35 -27.61 5.61
CA ASP B 110 15.60 -27.52 6.85
C ASP B 110 14.33 -28.37 6.71
N SER B 111 13.91 -29.07 7.76
CA SER B 111 12.79 -29.97 7.58
C SER B 111 11.54 -29.13 7.41
N GLU B 112 11.65 -27.91 7.91
CA GLU B 112 10.57 -26.96 7.83
C GLU B 112 10.31 -26.47 6.41
N PHE B 113 11.31 -26.57 5.55
CA PHE B 113 11.21 -25.96 4.24
C PHE B 113 9.95 -26.35 3.45
N MSE B 114 9.80 -27.64 3.12
CA MSE B 114 8.64 -28.03 2.31
C MSE B 114 7.32 -28.00 3.08
O MSE B 114 6.26 -27.68 2.53
CB MSE B 114 8.83 -29.37 1.62
CG MSE B 114 9.76 -29.29 0.41
SE MSE B 114 9.28 -27.97 -0.97
CE MSE B 114 7.49 -28.61 -1.40
N GLU B 115 7.37 -28.33 4.37
CA GLU B 115 6.23 -28.12 5.26
C GLU B 115 5.70 -26.71 5.05
N ASN B 116 6.59 -25.74 5.22
CA ASN B 116 6.21 -24.35 5.08
C ASN B 116 5.87 -23.96 3.67
N PHE B 117 6.49 -24.61 2.69
CA PHE B 117 6.18 -24.26 1.32
C PHE B 117 4.76 -24.70 0.99
N ARG B 118 4.39 -25.87 1.48
CA ARG B 118 3.03 -26.36 1.30
C ARG B 118 2.05 -25.52 2.10
N ARG B 119 2.42 -25.16 3.33
CA ARG B 119 1.58 -24.25 4.11
C ARG B 119 1.30 -22.91 3.37
N MSE B 120 2.34 -22.33 2.75
CA MSE B 120 2.14 -21.13 1.93
C MSE B 120 1.13 -21.38 0.84
O MSE B 120 0.29 -20.51 0.57
CB MSE B 120 3.45 -20.67 1.30
CG MSE B 120 3.25 -19.56 0.26
SE MSE B 120 4.86 -19.08 -0.74
CE MSE B 120 5.15 -20.76 -1.74
N GLU B 121 1.22 -22.54 0.20
CA GLU B 121 0.37 -22.83 -0.95
C GLU B 121 -1.07 -22.97 -0.52
N LYS B 122 -1.29 -23.71 0.56
CA LYS B 122 -2.65 -23.89 1.07
C LYS B 122 -3.28 -22.55 1.43
N LEU B 123 -2.49 -21.67 2.04
CA LEU B 123 -3.04 -20.37 2.43
C LEU B 123 -3.39 -19.53 1.22
N PHE B 124 -2.56 -19.59 0.18
CA PHE B 124 -2.87 -18.87 -1.03
C PHE B 124 -4.22 -19.30 -1.59
N MSE B 125 -4.46 -20.62 -1.69
CA MSE B 125 -5.75 -21.09 -2.17
C MSE B 125 -6.91 -20.71 -1.25
O MSE B 125 -8.03 -20.47 -1.69
CB MSE B 125 -5.75 -22.60 -2.43
CG MSE B 125 -5.17 -23.03 -3.76
SE MSE B 125 -5.69 -21.90 -5.29
CE MSE B 125 -7.63 -21.93 -5.08
N LEU B 126 -6.67 -20.67 0.06
CA LEU B 126 -7.73 -20.27 0.97
C LEU B 126 -8.10 -18.79 0.77
N ALA B 127 -7.11 -17.95 0.46
CA ALA B 127 -7.39 -16.54 0.24
C ALA B 127 -8.23 -16.44 -1.01
N VAL B 128 -7.82 -17.16 -2.04
CA VAL B 128 -8.54 -17.19 -3.30
C VAL B 128 -9.95 -17.78 -3.14
N ASP B 129 -10.08 -18.82 -2.33
CA ASP B 129 -11.40 -19.42 -2.04
C ASP B 129 -12.36 -18.39 -1.49
N ASN B 130 -11.84 -17.44 -0.71
CA ASN B 130 -12.69 -16.45 -0.04
C ASN B 130 -12.74 -15.13 -0.78
N SER B 131 -12.11 -15.12 -1.94
CA SER B 131 -12.06 -13.92 -2.73
C SER B 131 -13.02 -14.09 -3.90
N LYS B 132 -13.22 -12.99 -4.62
CA LYS B 132 -14.08 -12.99 -5.79
C LYS B 132 -13.21 -13.11 -7.04
N ILE B 133 -11.95 -13.51 -6.83
CA ILE B 133 -11.05 -13.81 -7.94
C ILE B 133 -11.21 -15.27 -8.34
N PRO B 134 -11.44 -15.50 -9.65
CA PRO B 134 -11.61 -16.81 -10.27
C PRO B 134 -10.29 -17.54 -10.54
N LEU B 135 -9.29 -17.34 -9.69
CA LEU B 135 -7.99 -17.96 -9.90
C LEU B 135 -8.09 -19.46 -9.70
N LYS B 136 -7.41 -20.23 -10.56
CA LYS B 136 -7.36 -21.68 -10.37
C LYS B 136 -5.93 -22.22 -10.43
N SER B 137 -5.69 -23.30 -9.69
CA SER B 137 -4.43 -24.01 -9.77
C SER B 137 -4.38 -24.81 -11.06
N ILE B 138 -3.21 -24.85 -11.70
CA ILE B 138 -3.02 -25.68 -12.89
C ILE B 138 -1.69 -26.40 -12.86
N GLU B 139 -1.57 -27.39 -13.75
CA GLU B 139 -0.34 -28.15 -13.92
C GLU B 139 -0.09 -28.27 -15.42
N VAL B 140 1.05 -27.77 -15.87
CA VAL B 140 1.40 -27.82 -17.29
C VAL B 140 2.35 -28.96 -17.54
N PRO B 141 1.97 -29.86 -18.45
CA PRO B 141 2.74 -31.07 -18.72
C PRO B 141 4.07 -30.73 -19.38
N PHE B 142 5.17 -31.26 -18.87
CA PHE B 142 6.47 -30.95 -19.46
C PHE B 142 7.55 -31.96 -19.08
N GLU B 143 8.25 -32.50 -20.07
CA GLU B 143 9.36 -33.40 -19.78
C GLU B 143 8.95 -34.55 -18.87
N GLY B 144 7.80 -35.16 -19.15
CA GLY B 144 7.31 -36.21 -18.29
C GLY B 144 6.53 -35.74 -17.07
N GLU B 145 6.97 -34.65 -16.45
CA GLU B 145 6.31 -34.15 -15.23
C GLU B 145 5.26 -33.06 -15.46
N LEU B 146 4.79 -32.49 -14.35
CA LEU B 146 3.82 -31.38 -14.40
C LEU B 146 4.36 -30.14 -13.71
N LEU B 147 4.34 -28.99 -14.40
CA LEU B 147 4.80 -27.75 -13.76
C LEU B 147 3.60 -27.08 -13.12
N PRO B 148 3.75 -26.66 -11.85
CA PRO B 148 2.68 -25.99 -11.08
C PRO B 148 2.50 -24.53 -11.51
N GLY B 149 1.25 -24.08 -11.52
CA GLY B 149 1.01 -22.73 -11.96
C GLY B 149 -0.36 -22.28 -11.55
N TYR B 150 -0.60 -20.98 -11.72
CA TYR B 150 -1.94 -20.47 -11.52
C TYR B 150 -2.41 -19.91 -12.85
N ALA B 151 -3.72 -19.87 -13.01
CA ALA B 151 -4.31 -19.37 -14.24
C ALA B 151 -5.54 -18.58 -13.88
N ILE B 152 -5.71 -17.43 -14.52
CA ILE B 152 -6.99 -16.78 -14.37
C ILE B 152 -7.59 -16.35 -15.72
N ILE B 153 -8.77 -16.91 -15.98
CA ILE B 153 -9.31 -16.96 -17.31
C ILE B 153 -10.82 -16.85 -17.19
N SER B 154 -11.41 -15.79 -17.77
CA SER B 154 -12.86 -15.66 -17.74
C SER B 154 -13.47 -16.63 -18.75
N GLU B 155 -14.56 -17.27 -18.36
CA GLU B 155 -15.21 -18.29 -19.19
C GLU B 155 -16.02 -17.66 -20.33
N ASP B 156 -16.40 -16.40 -20.17
CA ASP B 156 -17.38 -15.76 -21.05
C ASP B 156 -16.81 -14.73 -22.02
N LYS B 157 -15.54 -14.36 -21.85
CA LYS B 157 -14.94 -13.35 -22.73
C LYS B 157 -13.62 -13.81 -23.32
N ALA B 158 -13.48 -13.67 -24.63
CA ALA B 158 -12.21 -13.94 -25.28
C ALA B 158 -11.26 -12.76 -25.05
N GLN B 159 -10.37 -12.90 -24.07
CA GLN B 159 -9.47 -11.82 -23.71
C GLN B 159 -8.06 -12.10 -24.19
N ASP B 160 -7.28 -11.04 -24.35
CA ASP B 160 -5.88 -11.19 -24.68
C ASP B 160 -5.16 -11.81 -23.47
N THR B 161 -4.10 -12.57 -23.74
CA THR B 161 -3.41 -13.25 -22.66
C THR B 161 -2.05 -12.65 -22.30
N LEU B 162 -1.74 -12.71 -21.01
CA LEU B 162 -0.46 -12.31 -20.45
C LEU B 162 0.12 -13.47 -19.64
N ILE B 163 1.32 -13.89 -20.01
CA ILE B 163 1.99 -14.95 -19.27
C ILE B 163 3.10 -14.32 -18.45
N VAL B 164 3.18 -14.67 -17.18
CA VAL B 164 4.16 -14.05 -16.32
C VAL B 164 5.21 -15.07 -15.94
N VAL B 165 6.49 -14.71 -16.07
CA VAL B 165 7.60 -15.61 -15.77
C VAL B 165 8.55 -14.93 -14.76
N GLY B 166 8.91 -15.64 -13.70
CA GLY B 166 9.78 -15.10 -12.67
C GLY B 166 11.26 -15.41 -12.90
N GLY B 167 12.10 -15.13 -11.93
CA GLY B 167 13.52 -15.41 -12.02
C GLY B 167 13.93 -16.51 -11.06
N GLY B 168 14.98 -16.29 -10.28
CA GLY B 168 15.48 -17.36 -9.44
C GLY B 168 14.96 -17.29 -8.01
N ASP B 169 14.18 -16.25 -7.71
CA ASP B 169 13.66 -16.07 -6.35
C ASP B 169 12.16 -15.92 -6.32
N THR B 170 11.44 -16.67 -7.13
CA THR B 170 9.99 -16.53 -7.20
C THR B 170 9.28 -17.87 -7.33
N SER B 171 8.06 -17.94 -6.81
CA SER B 171 7.14 -19.02 -7.15
C SER B 171 5.88 -18.43 -7.80
N ARG B 172 4.98 -19.28 -8.23
CA ARG B 172 3.76 -18.82 -8.89
C ARG B 172 3.04 -17.77 -8.03
N GLU B 173 3.12 -17.92 -6.70
CA GLU B 173 2.53 -16.98 -5.74
C GLU B 173 3.06 -15.56 -5.91
N ASP B 174 4.36 -15.43 -6.17
CA ASP B 174 4.95 -14.11 -6.40
C ASP B 174 4.43 -13.47 -7.67
N LEU B 175 4.29 -14.30 -8.71
CA LEU B 175 3.84 -13.81 -10.02
C LEU B 175 2.47 -13.20 -9.89
N PHE B 176 1.75 -13.60 -8.85
CA PHE B 176 0.39 -13.13 -8.66
C PHE B 176 0.38 -11.62 -8.41
N TYR B 177 1.08 -11.20 -7.36
CA TYR B 177 1.11 -9.76 -7.02
C TYR B 177 2.05 -8.97 -7.93
N MSE B 178 3.04 -9.62 -8.55
CA MSE B 178 3.97 -8.86 -9.40
C MSE B 178 3.27 -8.31 -10.63
O MSE B 178 3.50 -7.16 -11.03
CB MSE B 178 5.17 -9.70 -9.86
CG MSE B 178 5.95 -10.37 -8.74
SE MSE B 178 7.72 -10.94 -9.35
CE MSE B 178 8.36 -9.22 -9.89
N LEU B 179 2.41 -9.13 -11.25
CA LEU B 179 1.74 -8.70 -12.47
C LEU B 179 0.39 -9.36 -12.70
N GLY B 180 0.26 -10.63 -12.32
CA GLY B 180 -0.88 -11.44 -12.72
C GLY B 180 -2.23 -10.91 -12.29
N TYR B 181 -2.32 -10.50 -11.04
CA TYR B 181 -3.53 -9.95 -10.47
C TYR B 181 -3.89 -8.67 -11.22
N SER B 182 -2.94 -7.76 -11.25
CA SER B 182 -3.08 -6.53 -12.01
C SER B 182 -3.46 -6.83 -13.48
N GLY B 183 -2.90 -7.88 -14.06
CA GLY B 183 -3.22 -8.23 -15.44
C GLY B 183 -4.68 -8.60 -15.58
N TRP B 184 -5.16 -9.37 -14.62
CA TRP B 184 -6.56 -9.75 -14.56
C TRP B 184 -7.46 -8.54 -14.35
N GLU B 185 -7.06 -7.64 -13.47
CA GLU B 185 -7.84 -6.42 -13.21
C GLU B 185 -7.93 -5.51 -14.43
N HIS B 186 -7.03 -5.70 -15.40
CA HIS B 186 -7.07 -4.94 -16.65
C HIS B 186 -7.66 -5.82 -17.75
N ASP B 187 -8.39 -6.86 -17.35
CA ASP B 187 -9.08 -7.72 -18.31
C ASP B 187 -8.21 -8.50 -19.28
N TYR B 188 -7.07 -8.99 -18.81
CA TYR B 188 -6.32 -9.99 -19.56
C TYR B 188 -6.50 -11.36 -18.93
N ASN B 189 -6.51 -12.40 -19.76
CA ASN B 189 -6.30 -13.74 -19.24
C ASN B 189 -4.84 -13.85 -18.83
N VAL B 190 -4.59 -14.45 -17.66
CA VAL B 190 -3.27 -14.45 -17.06
C VAL B 190 -2.81 -15.86 -16.70
N LEU B 191 -1.62 -16.23 -17.15
CA LEU B 191 -1.00 -17.48 -16.73
C LEU B 191 0.30 -17.15 -16.02
N MSE B 192 0.51 -17.80 -14.88
CA MSE B 192 1.74 -17.70 -14.14
C MSE B 192 2.19 -19.11 -13.75
O MSE B 192 1.63 -19.75 -12.87
CB MSE B 192 1.56 -16.78 -12.91
CG MSE B 192 0.27 -16.98 -12.15
SE MSE B 192 -0.66 -15.32 -11.57
CE MSE B 192 -2.48 -15.88 -12.02
N VAL B 193 3.22 -19.60 -14.43
CA VAL B 193 3.65 -20.97 -14.27
C VAL B 193 5.09 -21.00 -13.83
N ASP B 194 5.44 -21.96 -13.00
CA ASP B 194 6.83 -22.10 -12.57
C ASP B 194 7.57 -23.03 -13.50
N LEU B 195 8.65 -22.51 -14.09
CA LEU B 195 9.51 -23.29 -14.96
C LEU B 195 10.45 -24.08 -14.05
N PRO B 196 11.15 -25.08 -14.62
CA PRO B 196 12.10 -25.87 -13.82
C PRO B 196 13.15 -24.96 -13.16
N GLY B 197 13.48 -25.24 -11.92
CA GLY B 197 14.37 -24.41 -11.15
C GLY B 197 13.59 -23.48 -10.22
N GLN B 198 12.33 -23.22 -10.54
CA GLN B 198 11.56 -22.21 -9.83
C GLN B 198 10.52 -22.80 -8.88
N GLY B 199 10.20 -22.07 -7.82
CA GLY B 199 9.23 -22.55 -6.84
C GLY B 199 9.63 -23.89 -6.25
N LYS B 200 8.72 -24.87 -6.32
CA LYS B 200 8.98 -26.19 -5.76
C LYS B 200 9.39 -27.22 -6.82
N ASN B 201 9.66 -26.78 -8.06
CA ASN B 201 10.09 -27.73 -9.09
C ASN B 201 11.36 -28.50 -8.75
N PRO B 202 12.32 -27.85 -8.04
CA PRO B 202 13.55 -28.57 -7.71
C PRO B 202 13.28 -29.76 -6.78
N ASN B 203 12.20 -29.63 -6.02
CA ASN B 203 11.77 -30.68 -5.14
C ASN B 203 11.31 -31.94 -5.88
N GLN B 204 11.00 -31.81 -7.18
CA GLN B 204 10.68 -32.98 -7.99
C GLN B 204 11.69 -33.24 -9.12
N GLY B 205 12.87 -32.65 -8.98
CA GLY B 205 13.96 -32.96 -9.88
C GLY B 205 13.99 -32.07 -11.08
N LEU B 206 13.17 -31.00 -11.05
CA LEU B 206 13.10 -30.03 -12.13
C LEU B 206 13.94 -28.79 -11.82
N HIS B 207 15.20 -28.85 -12.23
CA HIS B 207 16.17 -27.80 -11.95
C HIS B 207 16.29 -26.82 -13.10
N PHE B 208 17.02 -25.72 -12.87
CA PHE B 208 17.23 -24.80 -13.98
C PHE B 208 17.80 -25.54 -15.17
N GLU B 209 17.28 -25.25 -16.36
CA GLU B 209 17.76 -25.87 -17.60
C GLU B 209 18.34 -24.84 -18.58
N VAL B 210 19.15 -25.32 -19.52
CA VAL B 210 19.92 -24.46 -20.42
C VAL B 210 19.03 -23.53 -21.25
N ASP B 211 17.90 -24.05 -21.70
CA ASP B 211 17.05 -23.28 -22.58
C ASP B 211 15.61 -23.35 -22.14
N ALA B 212 15.04 -22.18 -21.90
CA ALA B 212 13.71 -22.06 -21.30
C ALA B 212 12.64 -22.08 -22.38
N ARG B 213 13.08 -22.14 -23.64
CA ARG B 213 12.14 -22.04 -24.75
C ARG B 213 11.15 -23.20 -24.67
N ALA B 214 11.67 -24.40 -24.47
CA ALA B 214 10.85 -25.60 -24.44
C ALA B 214 9.73 -25.49 -23.40
N ALA B 215 10.09 -25.16 -22.17
CA ALA B 215 9.12 -25.06 -21.08
C ALA B 215 8.05 -24.06 -21.41
N ILE B 216 8.49 -22.90 -21.91
CA ILE B 216 7.58 -21.83 -22.27
C ILE B 216 6.68 -22.19 -23.47
N SER B 217 7.24 -22.85 -24.48
CA SER B 217 6.43 -23.34 -25.57
C SER B 217 5.47 -24.40 -25.05
N ALA B 218 5.93 -25.21 -24.09
CA ALA B 218 5.06 -26.19 -23.46
C ALA B 218 3.79 -25.52 -22.95
N ILE B 219 3.96 -24.43 -22.20
CA ILE B 219 2.85 -23.68 -21.67
C ILE B 219 1.87 -23.24 -22.75
N LEU B 220 2.41 -22.70 -23.85
CA LEU B 220 1.58 -22.27 -24.98
C LEU B 220 0.93 -23.45 -25.70
N ASP B 221 1.65 -24.56 -25.81
CA ASP B 221 1.12 -25.76 -26.43
C ASP B 221 -0.15 -26.13 -25.70
N TRP B 222 -0.12 -25.91 -24.39
CA TRP B 222 -1.12 -26.41 -23.47
C TRP B 222 -2.32 -25.49 -23.35
N TYR B 223 -2.12 -24.24 -23.69
CA TYR B 223 -3.10 -23.23 -23.41
C TYR B 223 -3.92 -22.99 -24.64
N GLN B 224 -5.22 -23.09 -24.53
N GLN B 224 -5.22 -23.05 -24.51
CA GLN B 224 -6.02 -22.82 -25.71
CA GLN B 224 -6.06 -22.80 -25.65
C GLN B 224 -6.51 -21.43 -25.55
C GLN B 224 -6.52 -21.41 -25.53
N ALA B 225 -5.91 -20.56 -26.33
CA ALA B 225 -6.01 -19.14 -26.17
C ALA B 225 -7.18 -18.55 -26.90
N PRO B 226 -8.02 -17.85 -26.19
CA PRO B 226 -9.15 -17.18 -26.82
C PRO B 226 -8.66 -16.39 -28.04
N THR B 227 -7.83 -15.39 -27.77
CA THR B 227 -7.31 -14.54 -28.82
C THR B 227 -5.85 -14.87 -29.10
N GLU B 228 -5.34 -14.40 -30.23
CA GLU B 228 -3.94 -14.59 -30.59
C GLU B 228 -3.03 -13.52 -29.97
N LYS B 229 -3.64 -12.47 -29.42
CA LYS B 229 -2.87 -11.43 -28.78
C LYS B 229 -2.37 -11.91 -27.41
N ILE B 230 -1.15 -12.44 -27.43
CA ILE B 230 -0.51 -13.02 -26.27
C ILE B 230 0.79 -12.28 -25.94
N ALA B 231 0.90 -11.81 -24.72
CA ALA B 231 2.11 -11.13 -24.28
C ALA B 231 2.82 -11.96 -23.23
N ILE B 232 4.14 -11.82 -23.15
CA ILE B 232 4.91 -12.47 -22.09
C ILE B 232 5.76 -11.46 -21.28
N ALA B 233 5.82 -11.62 -19.97
CA ALA B 233 6.56 -10.65 -19.14
C ALA B 233 7.53 -11.38 -18.24
N GLY B 234 8.81 -11.08 -18.37
CA GLY B 234 9.83 -11.75 -17.59
C GLY B 234 10.51 -10.86 -16.57
N PHE B 235 10.51 -11.29 -15.32
CA PHE B 235 11.16 -10.54 -14.24
C PHE B 235 12.45 -11.21 -13.79
N SER B 236 13.48 -10.41 -13.55
CA SER B 236 14.75 -10.93 -13.05
C SER B 236 15.33 -11.98 -13.99
N GLY B 237 15.56 -13.17 -13.45
CA GLY B 237 15.97 -14.30 -14.26
C GLY B 237 15.12 -14.48 -15.49
N GLY B 238 13.84 -14.15 -15.37
CA GLY B 238 12.88 -14.44 -16.41
C GLY B 238 13.00 -13.50 -17.61
N GLY B 239 13.76 -12.42 -17.42
CA GLY B 239 14.14 -11.55 -18.52
C GLY B 239 15.04 -12.27 -19.51
N TYR B 240 15.71 -13.33 -19.03
CA TYR B 240 16.56 -14.14 -19.89
C TYR B 240 15.71 -15.23 -20.51
N PHE B 241 14.91 -15.90 -19.67
CA PHE B 241 14.03 -16.96 -20.15
C PHE B 241 13.09 -16.46 -21.24
N THR B 242 12.43 -15.33 -21.03
CA THR B 242 11.55 -14.79 -22.07
C THR B 242 12.30 -14.29 -23.30
N ALA B 243 13.51 -13.76 -23.12
CA ALA B 243 14.31 -13.42 -24.30
C ALA B 243 14.42 -14.67 -25.17
N GLN B 244 14.67 -15.80 -24.51
CA GLN B 244 14.86 -17.08 -25.19
C GLN B 244 13.59 -17.49 -25.92
N ALA B 245 12.45 -17.36 -25.26
CA ALA B 245 11.21 -17.80 -25.90
C ALA B 245 10.91 -16.90 -27.10
N VAL B 246 11.05 -15.60 -26.87
CA VAL B 246 10.69 -14.58 -27.82
C VAL B 246 11.54 -14.67 -29.10
N GLU B 247 12.77 -15.19 -28.97
CA GLU B 247 13.64 -15.38 -30.11
C GLU B 247 13.06 -16.38 -31.09
N LYS B 248 12.54 -17.48 -30.56
CA LYS B 248 12.24 -18.63 -31.40
C LYS B 248 10.75 -18.92 -31.61
N ASP B 249 9.91 -18.39 -30.73
CA ASP B 249 8.48 -18.68 -30.77
C ASP B 249 7.63 -17.45 -31.11
N LYS B 250 6.91 -17.53 -32.23
CA LYS B 250 6.29 -16.35 -32.82
C LYS B 250 4.82 -16.07 -32.45
N ARG B 251 4.21 -16.96 -31.67
CA ARG B 251 2.86 -16.70 -31.17
C ARG B 251 2.86 -15.73 -29.98
N ILE B 252 4.05 -15.35 -29.54
CA ILE B 252 4.16 -14.31 -28.54
C ILE B 252 4.13 -12.98 -29.27
N LYS B 253 3.19 -12.11 -28.90
CA LYS B 253 2.96 -10.87 -29.65
C LYS B 253 3.49 -9.60 -28.96
N ALA B 254 3.95 -9.71 -27.73
CA ALA B 254 4.56 -8.58 -27.05
C ALA B 254 5.45 -9.07 -25.92
N TRP B 255 6.51 -8.34 -25.65
CA TRP B 255 7.47 -8.80 -24.66
C TRP B 255 7.80 -7.67 -23.69
N ILE B 256 7.57 -7.95 -22.41
CA ILE B 256 7.88 -7.05 -21.32
C ILE B 256 8.98 -7.70 -20.49
N ALA B 257 10.09 -7.01 -20.27
CA ALA B 257 11.18 -7.63 -19.51
C ALA B 257 11.77 -6.65 -18.50
N SER B 258 11.99 -7.16 -17.30
CA SER B 258 12.48 -6.41 -16.16
C SER B 258 13.54 -7.27 -15.39
N THR B 259 14.78 -7.28 -15.87
CA THR B 259 15.24 -6.68 -17.11
C THR B 259 15.49 -7.69 -18.23
N PRO B 260 15.55 -7.25 -19.48
CA PRO B 260 15.82 -8.20 -20.54
C PRO B 260 17.28 -8.63 -20.48
N ILE B 261 17.54 -9.92 -20.70
CA ILE B 261 18.90 -10.43 -20.67
C ILE B 261 19.16 -11.29 -21.91
N TYR B 262 20.24 -11.02 -22.65
CA TYR B 262 20.55 -11.88 -23.79
C TYR B 262 21.73 -12.81 -23.55
N ASP B 263 22.46 -12.55 -22.47
CA ASP B 263 23.66 -13.32 -22.15
C ASP B 263 23.82 -13.44 -20.63
N VAL B 264 23.22 -14.47 -20.02
CA VAL B 264 23.35 -14.65 -18.57
C VAL B 264 24.77 -14.95 -18.16
N ALA B 265 25.46 -15.70 -19.01
CA ALA B 265 26.82 -16.11 -18.74
C ALA B 265 27.59 -14.89 -18.29
N GLU B 266 27.40 -13.81 -19.03
CA GLU B 266 28.10 -12.57 -18.78
C GLU B 266 27.64 -11.92 -17.49
N VAL B 267 26.35 -12.08 -17.16
CA VAL B 267 25.81 -11.54 -15.91
C VAL B 267 26.44 -12.23 -14.72
N PHE B 268 26.53 -13.55 -14.80
CA PHE B 268 27.16 -14.34 -13.74
C PHE B 268 28.63 -13.97 -13.67
N ARG B 269 29.28 -14.03 -14.83
CA ARG B 269 30.71 -13.77 -14.91
C ARG B 269 31.06 -12.48 -14.18
N ILE B 270 30.25 -11.45 -14.38
CA ILE B 270 30.54 -10.15 -13.81
C ILE B 270 30.25 -10.13 -12.32
N SER B 271 29.05 -10.57 -11.97
CA SER B 271 28.62 -10.63 -10.56
C SER B 271 29.61 -11.36 -9.65
N PHE B 272 29.91 -12.61 -9.97
CA PHE B 272 30.69 -13.44 -9.06
C PHE B 272 32.15 -13.54 -9.48
N SER B 273 32.73 -12.39 -9.80
CA SER B 273 34.13 -12.30 -10.21
C SER B 273 35.07 -12.55 -9.01
N VAL B 293 30.97 -13.25 8.86
CA VAL B 293 30.17 -14.17 8.06
C VAL B 293 28.71 -13.69 7.83
N ASN B 294 28.32 -13.67 6.56
CA ASN B 294 26.99 -13.27 6.16
C ASN B 294 26.06 -14.49 6.14
N LYS B 295 25.39 -14.75 7.25
CA LYS B 295 24.47 -15.87 7.36
C LYS B 295 23.29 -15.73 6.39
N VAL B 296 22.92 -14.49 6.08
CA VAL B 296 21.83 -14.29 5.14
C VAL B 296 22.23 -14.70 3.73
N ALA B 297 23.38 -14.25 3.27
CA ALA B 297 23.84 -14.62 1.94
C ALA B 297 24.05 -16.14 1.84
N GLU B 298 24.63 -16.72 2.87
CA GLU B 298 24.85 -18.16 2.90
C GLU B 298 23.57 -18.94 2.57
N VAL B 299 22.46 -18.62 3.25
CA VAL B 299 21.21 -19.36 3.01
C VAL B 299 20.69 -19.12 1.59
N ASN B 300 20.88 -17.90 1.09
CA ASN B 300 20.50 -17.57 -0.26
C ASN B 300 21.23 -18.43 -1.30
N LEU B 301 22.53 -18.53 -1.13
CA LEU B 301 23.35 -19.29 -2.06
C LEU B 301 22.98 -20.77 -2.02
N ASN B 302 22.77 -21.29 -0.82
CA ASN B 302 22.32 -22.67 -0.63
C ASN B 302 21.00 -22.94 -1.35
N LYS B 303 20.06 -22.02 -1.26
N LYS B 303 20.10 -21.98 -1.23
CA LYS B 303 18.79 -22.22 -1.97
CA LYS B 303 18.82 -22.00 -1.90
C LYS B 303 19.05 -22.26 -3.48
C LYS B 303 19.00 -22.18 -3.41
N TYR B 304 19.89 -21.36 -3.98
CA TYR B 304 20.24 -21.43 -5.40
C TYR B 304 20.82 -22.77 -5.82
N ALA B 305 21.79 -23.25 -5.04
CA ALA B 305 22.39 -24.57 -5.30
C ALA B 305 21.28 -25.60 -5.50
N TRP B 306 20.33 -25.62 -4.56
CA TRP B 306 19.16 -26.51 -4.59
C TRP B 306 18.36 -26.32 -5.89
N GLN B 307 18.20 -25.08 -6.35
CA GLN B 307 17.39 -24.87 -7.55
C GLN B 307 18.09 -25.34 -8.83
N PHE B 308 19.42 -25.25 -8.86
CA PHE B 308 20.22 -25.76 -9.98
C PHE B 308 20.44 -27.28 -9.88
N GLY B 309 20.26 -27.83 -8.68
CA GLY B 309 20.43 -29.25 -8.47
C GLY B 309 21.88 -29.65 -8.30
N GLN B 310 22.69 -28.73 -7.78
CA GLN B 310 24.13 -28.97 -7.57
C GLN B 310 24.51 -28.91 -6.09
N VAL B 311 25.77 -29.21 -5.77
CA VAL B 311 26.18 -29.27 -4.36
C VAL B 311 26.67 -27.92 -3.82
N ASP B 312 26.99 -27.02 -4.74
CA ASP B 312 27.60 -25.73 -4.44
C ASP B 312 26.91 -24.68 -5.28
N PHE B 313 26.85 -23.44 -4.77
CA PHE B 313 26.49 -22.32 -5.63
C PHE B 313 27.62 -22.13 -6.64
N ILE B 314 28.81 -22.50 -6.22
CA ILE B 314 30.01 -22.25 -6.97
C ILE B 314 29.94 -23.09 -8.23
N THR B 315 29.57 -24.35 -8.03
CA THR B 315 29.41 -25.32 -9.09
C THR B 315 28.27 -24.92 -9.99
N SER B 316 27.22 -24.39 -9.38
CA SER B 316 26.07 -23.87 -10.10
C SER B 316 26.48 -22.75 -11.05
N VAL B 317 27.31 -21.82 -10.57
CA VAL B 317 27.80 -20.73 -11.40
C VAL B 317 28.55 -21.28 -12.62
N ASN B 318 29.39 -22.27 -12.39
CA ASN B 318 30.14 -22.83 -13.50
C ASN B 318 29.20 -23.47 -14.49
N GLU B 319 28.23 -24.22 -13.99
CA GLU B 319 27.21 -24.79 -14.85
C GLU B 319 26.67 -23.70 -15.78
N VAL B 320 26.38 -22.52 -15.24
CA VAL B 320 25.89 -21.41 -16.09
C VAL B 320 26.91 -20.99 -17.14
N LEU B 321 28.08 -20.53 -16.70
CA LEU B 321 29.16 -20.13 -17.62
C LEU B 321 29.40 -21.20 -18.70
N GLU B 322 29.20 -22.45 -18.28
CA GLU B 322 29.38 -23.59 -19.15
C GLU B 322 28.36 -23.61 -20.28
N GLN B 323 27.09 -23.71 -19.89
CA GLN B 323 26.06 -24.14 -20.83
C GLN B 323 25.13 -23.04 -21.35
N ALA B 324 25.03 -21.93 -20.64
CA ALA B 324 24.07 -20.90 -21.01
C ALA B 324 24.42 -20.27 -22.35
N GLN B 325 23.45 -20.21 -23.25
CA GLN B 325 23.71 -19.77 -24.60
C GLN B 325 23.09 -18.43 -24.94
N ILE B 326 23.86 -17.63 -25.66
CA ILE B 326 23.52 -16.25 -25.94
C ILE B 326 22.32 -16.15 -26.88
N VAL B 327 21.29 -15.43 -26.46
CA VAL B 327 20.16 -15.15 -27.35
C VAL B 327 20.53 -14.33 -28.63
N ASP B 328 20.07 -14.80 -29.77
CA ASP B 328 20.27 -14.05 -31.02
C ASP B 328 19.20 -12.97 -31.14
N TYR B 329 19.46 -11.83 -30.48
CA TYR B 329 18.42 -10.82 -30.31
C TYR B 329 18.08 -10.13 -31.61
N ASN B 330 18.92 -10.31 -32.63
CA ASN B 330 18.65 -9.78 -33.95
C ASN B 330 17.49 -10.53 -34.58
N LYS B 331 17.11 -11.65 -33.96
CA LYS B 331 15.98 -12.45 -34.40
C LYS B 331 14.69 -12.09 -33.67
N ILE B 332 14.79 -11.39 -32.54
CA ILE B 332 13.58 -10.89 -31.91
C ILE B 332 12.91 -9.83 -32.78
N ASP B 333 11.68 -10.12 -33.19
CA ASP B 333 10.79 -9.11 -33.76
C ASP B 333 9.52 -9.23 -32.95
N VAL B 334 9.39 -8.38 -31.94
CA VAL B 334 8.14 -8.27 -31.21
C VAL B 334 8.16 -6.89 -30.55
N PRO B 335 6.99 -6.26 -30.40
CA PRO B 335 6.91 -5.04 -29.58
C PRO B 335 7.45 -5.26 -28.15
N SER B 336 8.38 -4.41 -27.72
CA SER B 336 9.06 -4.64 -26.45
C SER B 336 9.03 -3.44 -25.51
N LEU B 337 8.84 -3.75 -24.22
CA LEU B 337 8.92 -2.78 -23.14
C LEU B 337 9.97 -3.23 -22.15
N PHE B 338 11.05 -2.47 -22.00
CA PHE B 338 12.09 -2.82 -21.06
C PHE B 338 12.01 -1.91 -19.86
N LEU B 339 11.94 -2.53 -18.69
CA LEU B 339 11.85 -1.86 -17.41
C LEU B 339 13.17 -2.00 -16.65
N VAL B 340 13.79 -0.87 -16.30
CA VAL B 340 15.07 -0.93 -15.59
C VAL B 340 15.30 0.19 -14.55
N GLY B 341 15.61 -0.21 -13.32
CA GLY B 341 15.89 0.74 -12.25
C GLY B 341 17.30 1.31 -12.24
N ALA B 342 17.47 2.52 -11.71
CA ALA B 342 18.81 3.11 -11.49
C ALA B 342 19.63 2.36 -10.42
N GLY B 343 18.94 1.64 -9.53
CA GLY B 343 19.58 0.77 -8.55
C GLY B 343 19.76 -0.64 -9.13
N GLU B 344 20.38 -0.72 -10.31
CA GLU B 344 20.41 -1.96 -11.08
C GLU B 344 21.84 -2.23 -11.56
N ASP B 345 22.28 -3.48 -11.47
CA ASP B 345 23.63 -3.86 -11.89
C ASP B 345 23.94 -3.23 -13.24
N SER B 346 25.11 -2.64 -13.35
CA SER B 346 25.44 -1.92 -14.57
C SER B 346 25.52 -2.86 -15.80
N GLU B 347 25.73 -4.16 -15.57
CA GLU B 347 25.73 -5.11 -16.68
C GLU B 347 24.31 -5.38 -17.18
N LEU B 348 23.37 -5.41 -16.25
CA LEU B 348 21.95 -5.53 -16.61
C LEU B 348 21.51 -4.32 -17.44
N MSE B 349 21.94 -3.13 -17.01
CA MSE B 349 21.56 -1.94 -17.72
C MSE B 349 22.26 -1.90 -19.11
O MSE B 349 21.70 -1.42 -20.10
CB MSE B 349 21.92 -0.72 -16.87
CG MSE B 349 21.86 0.61 -17.62
SE MSE B 349 20.07 1.08 -18.30
CE MSE B 349 19.43 2.09 -16.76
N ARG B 350 23.47 -2.43 -19.18
CA ARG B 350 24.17 -2.47 -20.44
C ARG B 350 23.39 -3.30 -21.47
N GLN B 351 23.09 -4.54 -21.12
CA GLN B 351 22.36 -5.43 -22.02
C GLN B 351 21.01 -4.81 -22.40
N SER B 352 20.38 -4.11 -21.46
CA SER B 352 19.14 -3.43 -21.77
C SER B 352 19.38 -2.38 -22.83
N GLN B 353 20.47 -1.63 -22.70
CA GLN B 353 20.78 -0.59 -23.66
C GLN B 353 21.11 -1.19 -25.03
N VAL B 354 21.81 -2.31 -25.03
CA VAL B 354 22.17 -2.97 -26.29
C VAL B 354 20.91 -3.33 -27.07
N LEU B 355 20.06 -4.12 -26.44
CA LEU B 355 18.80 -4.49 -27.04
C LEU B 355 17.99 -3.27 -27.46
N TYR B 356 17.96 -2.22 -26.63
CA TYR B 356 17.23 -1.03 -27.04
C TYR B 356 17.79 -0.43 -28.32
N ASP B 357 19.11 -0.28 -28.37
CA ASP B 357 19.75 0.33 -29.52
C ASP B 357 19.54 -0.52 -30.78
N ASN B 358 19.55 -1.84 -30.59
CA ASN B 358 19.46 -2.76 -31.71
C ASN B 358 18.05 -2.81 -32.28
N PHE B 359 17.06 -2.90 -31.41
CA PHE B 359 15.66 -2.90 -31.84
C PHE B 359 15.28 -1.55 -32.50
N LYS B 360 15.79 -0.44 -31.96
CA LYS B 360 15.48 0.89 -32.49
C LYS B 360 16.05 1.05 -33.91
N GLN B 361 17.27 0.61 -34.08
CA GLN B 361 17.87 0.65 -35.37
C GLN B 361 17.01 -0.08 -36.36
N ARG B 362 16.56 -1.26 -36.00
CA ARG B 362 15.83 -2.13 -36.91
C ARG B 362 14.38 -1.81 -37.00
N GLY B 363 13.96 -0.74 -36.37
CA GLY B 363 12.57 -0.29 -36.43
C GLY B 363 11.56 -1.13 -35.65
N ILE B 364 12.03 -1.89 -34.67
CA ILE B 364 11.11 -2.62 -33.79
C ILE B 364 10.49 -1.62 -32.83
N ASP B 365 9.20 -1.78 -32.56
CA ASP B 365 8.52 -0.93 -31.59
C ASP B 365 9.06 -1.25 -30.19
N VAL B 366 10.02 -0.44 -29.75
CA VAL B 366 10.67 -0.68 -28.47
C VAL B 366 10.63 0.55 -27.55
N THR B 367 10.36 0.29 -26.27
CA THR B 367 10.34 1.32 -25.24
C THR B 367 11.27 0.92 -24.09
N LEU B 368 12.13 1.84 -23.69
CA LEU B 368 13.00 1.62 -22.54
C LEU B 368 12.64 2.60 -21.42
N ARG B 369 11.95 2.11 -20.39
CA ARG B 369 11.55 2.95 -19.26
C ARG B 369 12.57 2.79 -18.14
N LYS B 370 13.31 3.84 -17.84
CA LYS B 370 14.25 3.81 -16.71
C LYS B 370 13.51 4.33 -15.49
N PHE B 371 13.62 3.63 -14.36
CA PHE B 371 13.02 4.09 -13.12
C PHE B 371 14.07 4.72 -12.22
N SER B 372 13.98 6.05 -12.08
CA SER B 372 14.89 6.78 -11.22
C SER B 372 14.56 6.54 -9.75
N SER B 373 15.52 6.89 -8.90
CA SER B 373 15.33 6.80 -7.46
C SER B 373 14.07 7.56 -7.04
N GLU B 374 13.96 8.81 -7.49
N GLU B 374 13.94 8.79 -7.55
CA GLU B 374 12.83 9.66 -7.12
CA GLU B 374 12.85 9.70 -7.20
C GLU B 374 11.54 8.89 -7.35
C GLU B 374 11.49 9.10 -7.53
N SER B 375 11.48 8.13 -8.45
CA SER B 375 10.25 7.47 -8.83
C SER B 375 9.84 6.47 -7.75
N GLY B 376 10.80 6.09 -6.91
CA GLY B 376 10.54 5.11 -5.87
C GLY B 376 10.44 3.69 -6.41
N ALA B 377 10.78 3.52 -7.69
CA ALA B 377 10.64 2.23 -8.36
C ALA B 377 11.96 1.67 -8.90
N ASP B 378 13.08 2.11 -8.34
CA ASP B 378 14.40 1.83 -8.90
C ASP B 378 15.03 0.53 -8.42
N ALA B 379 14.32 -0.24 -7.61
CA ALA B 379 14.88 -1.49 -7.10
C ALA B 379 14.63 -2.60 -8.11
N HIS B 380 15.34 -3.69 -8.01
N HIS B 380 15.33 -3.73 -8.00
CA HIS B 380 15.16 -4.78 -8.93
CA HIS B 380 15.12 -4.86 -8.90
C HIS B 380 13.72 -5.17 -9.03
C HIS B 380 13.69 -5.13 -9.03
N CYS B 381 13.23 -5.42 -10.23
CA CYS B 381 11.82 -5.81 -10.41
C CYS B 381 10.79 -4.81 -9.89
N GLN B 382 11.24 -3.56 -9.67
CA GLN B 382 10.36 -2.47 -9.31
C GLN B 382 9.52 -2.78 -8.06
N VAL B 383 10.11 -3.57 -7.15
CA VAL B 383 9.43 -4.03 -5.93
C VAL B 383 9.09 -2.88 -4.96
N ASN B 384 9.85 -1.80 -5.02
CA ASN B 384 9.63 -0.67 -4.14
C ASN B 384 8.49 0.24 -4.62
N ASN B 385 7.96 -0.04 -5.80
CA ASN B 385 6.78 0.65 -6.32
C ASN B 385 6.06 -0.18 -7.38
N PHE B 386 5.46 -1.29 -6.98
CA PHE B 386 4.73 -2.14 -7.91
C PHE B 386 3.61 -1.38 -8.68
N ARG B 387 2.91 -0.52 -7.95
CA ARG B 387 1.77 0.21 -8.49
C ARG B 387 2.20 1.03 -9.69
N LEU B 388 3.29 1.76 -9.56
CA LEU B 388 3.80 2.52 -10.71
C LEU B 388 4.08 1.61 -11.90
N MSE B 389 4.85 0.55 -11.70
CA MSE B 389 5.22 -0.28 -12.85
C MSE B 389 4.02 -0.99 -13.48
O MSE B 389 4.00 -1.20 -14.68
CB MSE B 389 6.35 -1.26 -12.51
CG MSE B 389 5.90 -2.59 -11.99
SE MSE B 389 5.61 -4.04 -13.30
CE MSE B 389 5.75 -5.48 -11.98
N HIS B 390 3.01 -1.34 -12.68
CA HIS B 390 1.76 -1.84 -13.24
C HIS B 390 1.15 -0.83 -14.22
N TYR B 391 1.02 0.42 -13.79
CA TYR B 391 0.48 1.46 -14.67
C TYR B 391 1.31 1.55 -15.94
N GLN B 392 2.62 1.59 -15.79
CA GLN B 392 3.47 1.66 -16.97
C GLN B 392 3.14 0.49 -17.88
N VAL B 393 3.18 -0.72 -17.35
CA VAL B 393 3.04 -1.90 -18.19
C VAL B 393 1.70 -1.93 -18.92
N PHE B 394 0.62 -1.70 -18.19
CA PHE B 394 -0.69 -1.82 -18.78
C PHE B 394 -1.09 -0.64 -19.67
N GLU B 395 -0.66 0.58 -19.35
CA GLU B 395 -0.86 1.69 -20.30
C GLU B 395 -0.20 1.32 -21.64
N TRP B 396 1.01 0.78 -21.57
CA TRP B 396 1.75 0.37 -22.76
C TRP B 396 1.08 -0.79 -23.44
N LEU B 397 0.76 -1.84 -22.68
CA LEU B 397 0.16 -3.04 -23.28
C LEU B 397 -1.21 -2.80 -23.92
N ASN B 398 -2.03 -1.97 -23.25
CA ASN B 398 -3.31 -1.57 -23.81
C ASN B 398 -3.12 -0.95 -25.18
N HIS B 399 -2.17 -0.03 -25.27
CA HIS B 399 -1.86 0.59 -26.55
C HIS B 399 -1.48 -0.46 -27.61
N ILE B 400 -0.55 -1.34 -27.28
CA ILE B 400 -0.03 -2.33 -28.23
C ILE B 400 -1.11 -3.27 -28.76
N PHE B 401 -2.03 -3.70 -27.89
CA PHE B 401 -2.97 -4.78 -28.20
C PHE B 401 -4.36 -4.31 -28.59
N LYS B 402 -5.08 -3.74 -27.64
CA LYS B 402 -6.37 -3.11 -27.90
C LYS B 402 -6.21 -2.27 -29.15
N LYS B 403 -5.33 -1.28 -29.06
CA LYS B 403 -5.01 -0.43 -30.20
C LYS B 403 -4.03 -1.13 -31.13
MG MG C . -5.95 -6.66 17.30
C1 BME D . -3.65 12.07 14.20
C2 BME D . -4.14 11.23 13.03
O1 BME D . -3.54 13.46 14.00
S2 BME D . -5.79 11.61 12.36
C1 PGE E . -5.70 19.09 18.74
O1 PGE E . -4.61 19.58 19.47
C2 PGE E . -6.99 19.90 18.68
O2 PGE E . -8.08 19.26 19.23
C3 PGE E . -9.36 19.79 19.17
C4 PGE E . -9.71 20.80 20.22
O4 PGE E . -12.35 23.76 22.44
C6 PGE E . -12.43 22.53 21.80
C5 PGE E . -11.50 22.30 20.63
O3 PGE E . -11.06 21.01 20.46
C1 EDO F . 15.90 12.79 -1.35
O1 EDO F . 15.02 13.60 -0.60
C2 EDO F . 17.30 13.37 -1.30
O2 EDO F . 18.27 12.39 -0.95
MG MG G . 11.38 8.05 -13.56
C1 BME H . 14.09 -11.11 -7.22
C2 BME H . 12.97 -10.10 -7.50
O1 BME H . 15.40 -10.72 -7.51
S2 BME H . 11.86 -10.51 -8.87
C1 PGE I . 20.37 -20.59 -16.95
O1 PGE I . 20.49 -22.00 -17.19
C2 PGE I . 19.56 -20.28 -15.71
O2 PGE I . 19.71 -18.93 -15.28
C3 PGE I . 18.73 -18.60 -14.31
C4 PGE I . 19.17 -17.52 -13.34
O4 PGE I . 20.84 -16.63 -9.36
C6 PGE I . 19.93 -17.56 -9.95
C5 PGE I . 19.19 -16.86 -11.07
O3 PGE I . 18.70 -17.80 -12.01
C1 EDO J . 20.04 -13.16 -12.27
O1 EDO J . 19.14 -14.28 -12.23
C2 EDO J . 19.29 -11.93 -12.78
O2 EDO J . 19.78 -10.77 -12.10
#